data_4K5U
#
_entry.id   4K5U
#
_cell.length_a   57.710
_cell.length_b   62.784
_cell.length_c   63.366
_cell.angle_alpha   72.03
_cell.angle_beta   71.39
_cell.angle_gamma   84.35
#
_symmetry.space_group_name_H-M   'P 1'
#
loop_
_entity.id
_entity.type
_entity.pdbx_description
1 polymer 'Variable lymphocyte receptor'
2 non-polymer beta-D-galactopyranose
3 water water
#
_entity_poly.entity_id   1
_entity_poly.type   'polypeptide(L)'
_entity_poly.pdbx_seq_one_letter_code
;MACPSQCSCSGTEVNCAGKSLASVPAGIPTTTRVLYLNSNQITKLEPGVFDRLANLRELHLWGNQLVSLPPGVFDNLANL
EKLWLNSNQLTSLPAGLFDRLVNLEHLGLCCMKLTELPSGAFDKLTRLKQLGLDQNQLKSIPDGAFARLPSLTHVWLHTN
PWDCQCTDILYLSGWVAQHSSIVGEGWPWRHSPDSAKCSGTNTPVRAVTEASTSPSKCPG
;
_entity_poly.pdbx_strand_id   B,A,C,D
#
# COMPACT_ATOMS: atom_id res chain seq x y z
N ALA A 2 -21.38 4.16 26.10
CA ALA A 2 -22.74 4.24 25.46
C ALA A 2 -22.70 3.70 24.02
N CYS A 3 -21.96 2.61 23.82
CA CYS A 3 -21.38 2.32 22.52
C CYS A 3 -22.40 2.10 21.41
N PRO A 4 -22.22 2.73 20.20
CA PRO A 4 -23.04 2.29 19.10
C PRO A 4 -22.87 0.79 18.87
N SER A 5 -23.98 0.12 18.60
CA SER A 5 -23.90 -1.29 18.34
C SER A 5 -22.89 -1.69 17.25
N GLN A 6 -22.84 -0.86 16.19
CA GLN A 6 -21.98 -1.11 14.99
C GLN A 6 -20.44 -1.12 15.32
N CYS A 7 -20.08 -0.48 16.42
CA CYS A 7 -18.69 -0.14 16.68
C CYS A 7 -18.18 -0.83 17.90
N SER A 8 -16.91 -0.66 18.16
CA SER A 8 -16.35 -1.15 19.43
C SER A 8 -15.85 0.03 20.20
N CYS A 9 -16.03 0.02 21.50
CA CYS A 9 -15.68 1.23 22.30
C CYS A 9 -15.07 0.71 23.57
N SER A 10 -13.87 1.22 23.93
CA SER A 10 -13.36 1.03 25.25
C SER A 10 -12.50 2.23 25.51
N GLY A 11 -12.37 2.62 26.77
CA GLY A 11 -11.56 3.80 27.05
C GLY A 11 -12.19 5.01 26.39
N THR A 12 -11.36 5.81 25.70
CA THR A 12 -11.84 6.91 25.01
C THR A 12 -11.70 6.71 23.51
N GLU A 13 -11.56 5.44 23.06
CA GLU A 13 -11.38 5.13 21.60
C GLU A 13 -12.67 4.48 21.03
N VAL A 14 -13.15 4.97 19.90
CA VAL A 14 -14.35 4.33 19.31
C VAL A 14 -13.95 3.86 17.92
N ASN A 15 -14.05 2.57 17.68
CA ASN A 15 -13.62 2.05 16.33
C ASN A 15 -14.86 1.65 15.53
N CYS A 16 -15.20 2.42 14.51
CA CYS A 16 -16.31 2.05 13.61
C CYS A 16 -15.71 1.85 12.21
N ALA A 17 -14.45 1.44 12.07
CA ALA A 17 -13.82 1.44 10.74
C ALA A 17 -14.29 0.17 10.00
N GLY A 18 -14.43 0.28 8.68
CA GLY A 18 -14.48 -0.92 7.81
C GLY A 18 -15.77 -1.67 8.07
N LYS A 19 -16.82 -0.98 8.48
CA LYS A 19 -18.06 -1.62 8.92
C LYS A 19 -19.13 -1.47 7.90
N SER A 20 -18.76 -1.16 6.67
CA SER A 20 -19.78 -0.87 5.66
C SER A 20 -20.82 0.21 6.03
N LEU A 21 -20.42 1.25 6.78
CA LEU A 21 -21.36 2.28 7.15
C LEU A 21 -21.68 3.29 6.11
N ALA A 22 -22.91 3.79 6.15
CA ALA A 22 -23.34 4.80 5.23
C ALA A 22 -23.48 6.13 5.85
N SER A 23 -23.36 6.16 7.17
CA SER A 23 -23.52 7.40 7.90
C SER A 23 -22.80 7.28 9.24
N VAL A 24 -22.59 8.43 9.86
CA VAL A 24 -21.95 8.46 11.15
C VAL A 24 -22.94 7.91 12.19
N PRO A 25 -22.57 6.89 12.90
CA PRO A 25 -23.55 6.34 13.86
C PRO A 25 -23.92 7.25 15.02
N ALA A 26 -25.16 7.11 15.49
CA ALA A 26 -25.59 7.92 16.62
C ALA A 26 -25.09 7.33 17.94
N GLY A 27 -24.90 8.24 18.92
CA GLY A 27 -24.58 7.88 20.30
C GLY A 27 -23.11 7.62 20.62
N ILE A 28 -22.24 8.21 19.83
CA ILE A 28 -20.79 8.03 20.08
C ILE A 28 -20.59 8.82 21.40
N PRO A 29 -19.95 8.20 22.38
CA PRO A 29 -19.90 8.79 23.72
C PRO A 29 -19.19 10.12 23.71
N THR A 30 -19.66 11.04 24.57
CA THR A 30 -19.05 12.39 24.56
C THR A 30 -17.59 12.43 25.01
N THR A 31 -17.17 11.38 25.70
CA THR A 31 -15.78 11.25 26.22
C THR A 31 -14.76 10.82 25.12
N THR A 32 -15.30 10.58 23.91
CA THR A 32 -14.41 10.02 22.85
C THR A 32 -13.22 10.98 22.47
N ARG A 33 -12.02 10.39 22.43
CA ARG A 33 -10.80 11.16 22.07
C ARG A 33 -10.30 10.67 20.73
N VAL A 34 -10.54 9.38 20.39
CA VAL A 34 -10.00 8.86 19.08
C VAL A 34 -11.16 8.15 18.40
N LEU A 35 -11.52 8.64 17.21
CA LEU A 35 -12.70 8.13 16.50
C LEU A 35 -12.29 7.61 15.14
N TYR A 36 -12.47 6.31 14.94
CA TYR A 36 -12.17 5.74 13.61
C TYR A 36 -13.42 5.58 12.79
N LEU A 37 -13.56 6.30 11.70
CA LEU A 37 -14.75 6.17 10.83
C LEU A 37 -14.27 5.90 9.45
N ASN A 38 -13.02 5.49 9.35
CA ASN A 38 -12.40 5.29 7.99
C ASN A 38 -12.93 4.08 7.32
N SER A 39 -12.70 4.03 6.00
CA SER A 39 -12.86 2.77 5.21
C SER A 39 -14.34 2.33 5.24
N ASN A 40 -15.25 3.28 5.19
CA ASN A 40 -16.71 3.00 5.18
C ASN A 40 -17.28 3.38 3.84
N GLN A 41 -18.60 3.62 3.76
CA GLN A 41 -19.29 4.13 2.57
C GLN A 41 -20.01 5.43 2.81
N ILE A 42 -19.38 6.34 3.56
CA ILE A 42 -20.04 7.60 3.85
C ILE A 42 -19.86 8.61 2.76
N THR A 43 -20.97 9.17 2.21
CA THR A 43 -20.90 10.05 1.07
C THR A 43 -21.16 11.49 1.52
N LYS A 44 -21.83 11.64 2.64
CA LYS A 44 -21.93 12.97 3.19
C LYS A 44 -21.96 12.95 4.70
N LEU A 45 -21.74 14.13 5.28
CA LEU A 45 -21.89 14.30 6.71
C LEU A 45 -23.06 15.22 6.98
N GLU A 46 -23.86 14.88 7.99
CA GLU A 46 -24.95 15.78 8.40
C GLU A 46 -24.38 16.97 9.14
N PRO A 47 -24.89 18.19 8.89
CA PRO A 47 -24.32 19.30 9.65
C PRO A 47 -24.60 19.07 11.17
N GLY A 48 -23.63 19.35 12.02
CA GLY A 48 -23.84 19.08 13.47
C GLY A 48 -23.30 17.72 13.95
N VAL A 49 -22.95 16.85 13.02
CA VAL A 49 -22.65 15.51 13.41
C VAL A 49 -21.60 15.36 14.50
N PHE A 50 -20.67 16.31 14.56
CA PHE A 50 -19.60 16.09 15.51
C PHE A 50 -19.78 17.14 16.60
N ASP A 51 -20.91 17.85 16.64
CA ASP A 51 -20.99 18.95 17.65
C ASP A 51 -20.92 18.49 19.12
N ARG A 52 -21.28 17.22 19.40
CA ARG A 52 -21.20 16.70 20.81
C ARG A 52 -19.84 16.14 21.21
N LEU A 53 -18.94 16.03 20.23
CA LEU A 53 -17.68 15.26 20.41
C LEU A 53 -16.53 16.23 20.55
N ALA A 54 -16.71 17.21 21.45
CA ALA A 54 -15.60 18.21 21.64
C ALA A 54 -14.33 17.65 22.19
N ASN A 55 -14.36 16.46 22.73
CA ASN A 55 -13.14 15.86 23.30
C ASN A 55 -12.26 15.19 22.24
N LEU A 56 -12.71 15.12 20.99
CA LEU A 56 -11.86 14.44 19.97
C LEU A 56 -10.46 15.05 19.85
N ARG A 57 -9.47 14.19 19.83
CA ARG A 57 -8.07 14.54 19.53
C ARG A 57 -7.72 14.00 18.11
N GLU A 58 -8.36 12.90 17.67
CA GLU A 58 -7.95 12.34 16.35
C GLU A 58 -9.16 11.86 15.65
N LEU A 59 -9.34 12.30 14.45
CA LEU A 59 -10.58 11.95 13.73
C LEU A 59 -10.15 11.32 12.39
N HIS A 60 -10.64 10.11 12.18
CA HIS A 60 -10.17 9.37 10.99
C HIS A 60 -11.31 9.26 10.01
N LEU A 61 -11.32 10.02 8.89
CA LEU A 61 -12.50 10.03 7.94
C LEU A 61 -11.98 9.45 6.64
N TRP A 62 -10.74 8.99 6.64
CA TRP A 62 -10.09 8.64 5.34
C TRP A 62 -10.76 7.40 4.72
N GLY A 63 -10.64 7.34 3.41
CA GLY A 63 -11.13 6.14 2.68
C GLY A 63 -12.65 6.02 2.64
N ASN A 64 -13.39 7.11 2.69
CA ASN A 64 -14.88 7.16 2.49
C ASN A 64 -15.10 7.73 1.10
N GLN A 65 -16.30 8.19 0.76
CA GLN A 65 -16.54 8.84 -0.52
C GLN A 65 -17.20 10.14 -0.35
N LEU A 66 -16.76 10.92 0.66
CA LEU A 66 -17.31 12.23 0.85
C LEU A 66 -17.15 13.12 -0.35
N VAL A 67 -18.26 13.74 -0.77
CA VAL A 67 -18.22 14.68 -1.87
C VAL A 67 -18.16 16.13 -1.49
N SER A 68 -18.59 16.49 -0.29
CA SER A 68 -18.36 17.82 0.22
C SER A 68 -18.37 17.80 1.76
N LEU A 69 -18.06 18.96 2.35
CA LEU A 69 -18.07 19.04 3.81
C LEU A 69 -18.88 20.28 4.13
N PRO A 70 -19.77 20.18 5.13
CA PRO A 70 -20.54 21.38 5.56
C PRO A 70 -19.59 22.41 6.21
N PRO A 71 -19.84 23.71 6.03
CA PRO A 71 -18.81 24.76 6.36
C PRO A 71 -18.30 24.84 7.85
N GLY A 72 -19.07 24.30 8.77
CA GLY A 72 -18.68 24.39 10.21
C GLY A 72 -18.70 23.05 10.89
N VAL A 73 -18.57 22.02 10.09
CA VAL A 73 -18.60 20.71 10.58
C VAL A 73 -17.54 20.38 11.66
N PHE A 74 -16.42 21.11 11.70
CA PHE A 74 -15.37 20.84 12.66
C PHE A 74 -15.31 21.93 13.77
N ASP A 75 -16.28 22.83 13.83
CA ASP A 75 -16.13 24.04 14.66
C ASP A 75 -16.03 23.81 16.14
N ASN A 76 -16.55 22.69 16.62
CA ASN A 76 -16.53 22.44 18.07
C ASN A 76 -15.30 21.62 18.50
N LEU A 77 -14.42 21.28 17.55
CA LEU A 77 -13.36 20.33 17.87
C LEU A 77 -12.12 21.07 18.23
N ALA A 78 -12.21 21.77 19.36
CA ALA A 78 -11.15 22.66 19.76
C ALA A 78 -9.91 21.89 20.18
N ASN A 79 -10.09 20.63 20.53
CA ASN A 79 -8.98 19.75 21.03
C ASN A 79 -8.29 18.92 19.96
N LEU A 80 -8.81 19.02 18.75
CA LEU A 80 -8.33 18.14 17.68
C LEU A 80 -6.85 18.35 17.33
N GLU A 81 -6.13 17.23 17.19
CA GLU A 81 -4.69 17.23 16.96
C GLU A 81 -4.43 16.57 15.61
N LYS A 82 -5.26 15.60 15.22
CA LYS A 82 -4.98 14.96 13.89
C LYS A 82 -6.30 14.78 13.17
N LEU A 83 -6.29 15.08 11.90
CA LEU A 83 -7.52 15.04 11.08
C LEU A 83 -7.16 14.41 9.77
N TRP A 84 -7.82 13.32 9.46
CA TRP A 84 -7.38 12.57 8.26
C TRP A 84 -8.55 12.42 7.33
N LEU A 85 -8.44 13.01 6.15
CA LEU A 85 -9.56 13.10 5.16
C LEU A 85 -9.06 12.45 3.88
N ASN A 86 -7.88 11.78 3.95
CA ASN A 86 -7.22 11.19 2.72
C ASN A 86 -8.27 10.31 2.00
N SER A 87 -8.20 10.30 0.66
CA SER A 87 -8.91 9.26 -0.13
C SER A 87 -10.40 9.37 -0.02
N ASN A 88 -10.89 10.59 -0.05
CA ASN A 88 -12.33 10.89 -0.24
C ASN A 88 -12.54 11.47 -1.60
N GLN A 89 -13.71 12.02 -1.91
CA GLN A 89 -13.96 12.48 -3.28
C GLN A 89 -14.12 13.98 -3.34
N LEU A 90 -13.51 14.71 -2.37
CA LEU A 90 -13.73 16.10 -2.28
C LEU A 90 -13.09 16.86 -3.44
N THR A 91 -13.76 17.89 -3.97
CA THR A 91 -13.15 18.68 -5.08
C THR A 91 -12.79 20.07 -4.57
N SER A 92 -13.26 20.43 -3.38
CA SER A 92 -12.88 21.69 -2.78
C SER A 92 -13.28 21.64 -1.29
N LEU A 93 -12.92 22.72 -0.61
CA LEU A 93 -13.12 22.85 0.83
C LEU A 93 -13.79 24.19 1.02
N PRO A 94 -14.84 24.25 1.89
CA PRO A 94 -15.48 25.57 2.16
C PRO A 94 -14.62 26.49 2.98
N ALA A 95 -14.69 27.77 2.66
CA ALA A 95 -14.08 28.82 3.46
C ALA A 95 -14.33 28.60 4.96
N GLY A 96 -13.29 28.89 5.78
CA GLY A 96 -13.33 28.67 7.23
C GLY A 96 -13.37 27.25 7.83
N LEU A 97 -13.27 26.20 6.99
CA LEU A 97 -13.46 24.86 7.43
C LEU A 97 -12.52 24.45 8.62
N PHE A 98 -11.26 24.94 8.62
CA PHE A 98 -10.29 24.54 9.65
C PHE A 98 -10.06 25.60 10.69
N ASP A 99 -10.86 26.68 10.67
CA ASP A 99 -10.56 27.90 11.43
C ASP A 99 -10.51 27.70 12.96
N ARG A 100 -11.26 26.74 13.47
CA ARG A 100 -11.36 26.54 14.90
C ARG A 100 -10.31 25.53 15.40
N LEU A 101 -9.55 24.91 14.47
CA LEU A 101 -8.74 23.76 14.81
C LEU A 101 -7.35 24.22 15.20
N VAL A 102 -7.30 25.07 16.23
CA VAL A 102 -6.10 25.79 16.56
C VAL A 102 -5.06 24.93 17.20
N ASN A 103 -5.42 23.70 17.57
CA ASN A 103 -4.40 22.80 18.14
C ASN A 103 -4.02 21.69 17.13
N LEU A 104 -4.56 21.84 15.90
CA LEU A 104 -4.26 20.77 14.89
C LEU A 104 -2.78 20.67 14.57
N GLU A 105 -2.28 19.43 14.55
CA GLU A 105 -0.85 19.17 14.29
C GLU A 105 -0.63 18.41 13.02
N HIS A 106 -1.59 17.56 12.67
CA HIS A 106 -1.45 16.74 11.41
C HIS A 106 -2.75 16.94 10.62
N LEU A 107 -2.63 17.20 9.34
CA LEU A 107 -3.80 17.33 8.45
C LEU A 107 -3.55 16.61 7.15
N GLY A 108 -4.36 15.58 6.92
CA GLY A 108 -4.19 14.74 5.67
C GLY A 108 -5.29 15.03 4.71
N LEU A 109 -4.91 15.51 3.55
CA LEU A 109 -5.92 15.93 2.52
C LEU A 109 -5.51 15.27 1.20
N CYS A 110 -4.71 14.22 1.27
CA CYS A 110 -4.23 13.61 -0.01
C CYS A 110 -5.24 12.72 -0.71
N CYS A 111 -4.99 12.51 -2.01
CA CYS A 111 -5.65 11.43 -2.75
C CYS A 111 -7.12 11.71 -2.91
N MET A 112 -7.46 12.99 -3.08
CA MET A 112 -8.91 13.43 -3.37
C MET A 112 -8.94 14.09 -4.78
N LYS A 113 -9.85 15.02 -5.04
CA LYS A 113 -9.88 15.58 -6.40
C LYS A 113 -9.82 17.10 -6.22
N LEU A 114 -9.09 17.60 -5.19
CA LEU A 114 -9.17 19.01 -4.89
C LEU A 114 -8.67 19.85 -6.05
N THR A 115 -9.44 20.86 -6.46
CA THR A 115 -8.96 21.61 -7.65
C THR A 115 -8.41 22.94 -7.21
N GLU A 116 -8.76 23.35 -6.01
CA GLU A 116 -8.14 24.56 -5.50
C GLU A 116 -8.23 24.55 -4.01
N LEU A 117 -7.52 25.48 -3.39
CA LEU A 117 -7.70 25.68 -1.96
C LEU A 117 -8.29 27.05 -1.79
N PRO A 118 -9.24 27.17 -0.87
CA PRO A 118 -9.85 28.49 -0.57
C PRO A 118 -8.84 29.41 0.01
N SER A 119 -9.08 30.71 -0.16
CA SER A 119 -8.09 31.65 0.37
C SER A 119 -8.20 31.58 1.93
N GLY A 120 -7.06 31.72 2.57
CA GLY A 120 -7.06 31.68 4.03
C GLY A 120 -7.34 30.33 4.69
N ALA A 121 -7.37 29.20 3.91
CA ALA A 121 -7.64 27.90 4.40
C ALA A 121 -6.82 27.50 5.64
N PHE A 122 -5.51 27.88 5.68
CA PHE A 122 -4.68 27.39 6.76
C PHE A 122 -4.25 28.47 7.78
N ASP A 123 -4.91 29.62 7.74
CA ASP A 123 -4.34 30.79 8.36
C ASP A 123 -4.39 30.71 9.89
N LYS A 124 -5.29 29.89 10.43
CA LYS A 124 -5.46 29.72 11.89
C LYS A 124 -4.67 28.56 12.45
N LEU A 125 -3.99 27.76 11.60
CA LEU A 125 -3.37 26.53 12.05
C LEU A 125 -1.92 26.64 12.59
N THR A 126 -1.82 27.42 13.69
CA THR A 126 -0.56 27.78 14.22
C THR A 126 0.33 26.64 14.63
N ARG A 127 -0.29 25.53 15.08
CA ARG A 127 0.42 24.37 15.50
C ARG A 127 0.56 23.32 14.41
N LEU A 128 0.06 23.59 13.18
CA LEU A 128 0.18 22.48 12.19
C LEU A 128 1.64 22.09 11.90
N LYS A 129 2.00 20.83 12.00
CA LYS A 129 3.35 20.32 11.70
C LYS A 129 3.40 19.56 10.39
N GLN A 130 2.34 18.79 10.08
CA GLN A 130 2.38 17.93 8.86
C GLN A 130 1.12 18.20 8.03
N LEU A 131 1.36 18.47 6.74
CA LEU A 131 0.26 18.75 5.84
C LEU A 131 0.43 17.96 4.55
N GLY A 132 -0.54 17.10 4.28
CA GLY A 132 -0.49 16.24 3.01
C GLY A 132 -1.47 16.80 2.01
N LEU A 133 -0.95 17.29 0.88
CA LEU A 133 -1.79 17.81 -0.22
C LEU A 133 -1.47 17.03 -1.51
N ASP A 134 -0.69 16.01 -1.38
CA ASP A 134 -0.30 15.19 -2.61
C ASP A 134 -1.48 14.46 -3.26
N GLN A 135 -1.33 14.21 -4.53
CA GLN A 135 -2.31 13.36 -5.27
C GLN A 135 -3.75 13.98 -5.32
N ASN A 136 -3.75 15.25 -5.71
CA ASN A 136 -5.02 15.96 -5.94
C ASN A 136 -4.99 16.51 -7.34
N GLN A 137 -5.81 17.51 -7.60
CA GLN A 137 -5.82 18.18 -8.91
C GLN A 137 -5.45 19.61 -8.83
N LEU A 138 -4.52 19.92 -7.86
CA LEU A 138 -4.16 21.32 -7.63
C LEU A 138 -3.28 21.81 -8.81
N LYS A 139 -3.56 23.03 -9.29
CA LYS A 139 -2.74 23.65 -10.33
C LYS A 139 -1.85 24.74 -9.79
N SER A 140 -2.22 25.34 -8.62
CA SER A 140 -1.40 26.38 -7.98
C SER A 140 -1.84 26.49 -6.50
N ILE A 141 -1.09 27.31 -5.74
CA ILE A 141 -1.43 27.61 -4.33
C ILE A 141 -1.66 29.08 -4.30
N PRO A 142 -2.77 29.50 -3.66
CA PRO A 142 -3.06 30.96 -3.54
C PRO A 142 -1.89 31.69 -2.87
N ASP A 143 -1.59 32.91 -3.32
CA ASP A 143 -0.49 33.70 -2.80
C ASP A 143 -0.59 33.76 -1.26
N GLY A 144 0.50 33.46 -0.58
CA GLY A 144 0.51 33.56 0.92
C GLY A 144 -0.23 32.45 1.66
N ALA A 145 -0.63 31.38 0.97
CA ALA A 145 -1.41 30.32 1.68
C ALA A 145 -0.71 29.65 2.86
N PHE A 146 0.60 29.62 2.82
CA PHE A 146 1.36 28.97 3.87
C PHE A 146 2.05 29.95 4.82
N ALA A 147 1.77 31.26 4.67
CA ALA A 147 2.46 32.32 5.46
C ALA A 147 2.26 32.17 6.96
N ARG A 148 1.13 31.61 7.38
CA ARG A 148 0.83 31.48 8.83
C ARG A 148 0.89 30.02 9.37
N LEU A 149 1.78 29.27 8.78
CA LEU A 149 2.03 27.89 9.24
C LEU A 149 3.41 27.83 9.85
N PRO A 150 3.62 28.55 10.99
CA PRO A 150 4.93 28.66 11.51
C PRO A 150 5.43 27.37 12.11
N SER A 151 4.56 26.38 12.36
CA SER A 151 5.10 25.10 12.94
C SER A 151 5.29 23.97 11.86
N LEU A 152 5.12 24.33 10.61
CA LEU A 152 5.16 23.26 9.55
C LEU A 152 6.56 22.68 9.41
N THR A 153 6.66 21.36 9.45
CA THR A 153 7.89 20.65 9.31
C THR A 153 7.85 19.62 8.21
N HIS A 154 6.65 19.34 7.69
CA HIS A 154 6.55 18.22 6.71
C HIS A 154 5.40 18.56 5.83
N VAL A 155 5.64 18.63 4.49
CA VAL A 155 4.57 18.90 3.54
C VAL A 155 4.74 17.92 2.39
N TRP A 156 3.62 17.49 1.86
CA TRP A 156 3.67 16.63 0.64
C TRP A 156 2.91 17.41 -0.43
N LEU A 157 3.53 17.57 -1.62
CA LEU A 157 2.91 18.41 -2.67
C LEU A 157 2.93 17.64 -4.02
N HIS A 158 3.47 16.47 -4.01
CA HIS A 158 3.62 15.75 -5.30
C HIS A 158 2.36 15.16 -5.81
N THR A 159 2.48 14.74 -7.07
CA THR A 159 1.38 14.16 -7.78
C THR A 159 0.21 15.09 -7.90
N ASN A 160 0.48 16.36 -8.20
CA ASN A 160 -0.56 17.34 -8.53
C ASN A 160 -0.12 17.93 -9.90
N PRO A 161 -1.09 18.37 -10.71
CA PRO A 161 -0.80 18.89 -12.04
C PRO A 161 -0.45 20.41 -11.96
N TRP A 162 0.64 20.71 -11.24
CA TRP A 162 1.07 22.11 -11.09
C TRP A 162 1.21 22.77 -12.44
N ASP A 163 0.61 23.97 -12.58
CA ASP A 163 0.63 24.72 -13.86
C ASP A 163 1.73 25.78 -13.73
N CYS A 164 2.93 25.45 -14.22
CA CYS A 164 4.08 26.34 -14.09
C CYS A 164 4.22 27.35 -15.20
N GLN A 165 3.29 27.31 -16.17
CA GLN A 165 3.29 28.33 -17.26
C GLN A 165 2.65 29.65 -16.76
N CYS A 166 1.80 29.53 -15.74
CA CYS A 166 1.01 30.64 -15.31
C CYS A 166 1.77 31.40 -14.20
N THR A 167 1.67 32.74 -14.23
CA THR A 167 2.41 33.60 -13.28
C THR A 167 2.03 33.25 -11.81
N ASP A 168 0.84 32.70 -11.65
CA ASP A 168 0.33 32.38 -10.31
C ASP A 168 1.16 31.35 -9.60
N ILE A 169 2.00 30.60 -10.32
CA ILE A 169 2.79 29.52 -9.69
C ILE A 169 3.92 30.11 -8.80
N LEU A 170 4.21 31.39 -9.02
CA LEU A 170 5.45 31.88 -8.50
C LEU A 170 5.51 31.96 -6.99
N TYR A 171 4.33 32.09 -6.35
CA TYR A 171 4.27 32.01 -4.87
C TYR A 171 4.76 30.64 -4.46
N LEU A 172 4.14 29.59 -5.06
CA LEU A 172 4.54 28.26 -4.66
C LEU A 172 5.98 27.94 -5.04
N SER A 173 6.44 28.35 -6.23
CA SER A 173 7.84 28.03 -6.55
C SER A 173 8.83 28.68 -5.58
N GLY A 174 8.61 29.94 -5.24
CA GLY A 174 9.53 30.60 -4.28
C GLY A 174 9.41 29.97 -2.89
N TRP A 175 8.23 29.52 -2.54
CA TRP A 175 8.03 28.91 -1.22
C TRP A 175 8.74 27.52 -1.16
N VAL A 176 8.61 26.67 -2.21
CA VAL A 176 9.23 25.36 -2.13
C VAL A 176 10.72 25.53 -2.17
N ALA A 177 11.21 26.52 -2.94
CA ALA A 177 12.63 26.81 -3.01
C ALA A 177 13.14 27.13 -1.56
N GLN A 178 12.40 28.00 -0.88
CA GLN A 178 12.83 28.45 0.45
C GLN A 178 12.68 27.36 1.51
N HIS A 179 11.62 26.56 1.39
CA HIS A 179 11.32 25.52 2.39
C HIS A 179 11.54 24.13 1.85
N SER A 180 12.54 24.00 0.99
CA SER A 180 12.78 22.66 0.40
C SER A 180 13.13 21.58 1.40
N SER A 181 13.63 21.94 2.58
CA SER A 181 13.99 20.89 3.51
C SER A 181 12.74 20.16 4.09
N ILE A 182 11.57 20.76 3.93
CA ILE A 182 10.36 20.10 4.49
C ILE A 182 9.49 19.45 3.45
N VAL A 183 9.91 19.49 2.18
CA VAL A 183 9.04 18.94 1.08
C VAL A 183 9.41 17.50 0.81
N GLY A 184 8.40 16.61 0.79
CA GLY A 184 8.74 15.20 0.70
C GLY A 184 7.65 14.29 0.22
N GLU A 185 7.92 13.00 0.42
CA GLU A 185 6.98 11.98 -0.04
C GLU A 185 7.04 10.76 0.84
N GLY A 186 6.00 9.93 0.75
CA GLY A 186 6.02 8.67 1.44
C GLY A 186 5.42 8.74 2.82
N TRP A 187 5.16 7.54 3.38
CA TRP A 187 4.70 7.46 4.73
C TRP A 187 5.49 6.44 5.50
N PRO A 188 6.20 6.86 6.58
CA PRO A 188 6.36 8.25 7.03
C PRO A 188 7.15 9.06 6.05
N TRP A 189 7.23 10.37 6.32
CA TRP A 189 7.82 11.30 5.31
C TRP A 189 9.25 11.02 5.04
N ARG A 190 9.63 11.12 3.75
CA ARG A 190 11.07 11.09 3.30
C ARG A 190 11.33 12.34 2.50
N HIS A 191 12.54 12.89 2.57
CA HIS A 191 12.87 14.13 1.95
C HIS A 191 12.85 14.02 0.43
N SER A 192 12.15 14.93 -0.24
CA SER A 192 12.05 14.87 -1.70
C SER A 192 11.67 16.15 -2.33
N PRO A 193 12.63 17.10 -2.38
CA PRO A 193 12.24 18.48 -2.71
C PRO A 193 11.91 18.72 -4.17
N ASP A 194 12.31 17.80 -5.03
CA ASP A 194 11.99 18.00 -6.45
C ASP A 194 10.72 17.26 -6.83
N SER A 195 10.03 16.70 -5.83
CA SER A 195 8.86 15.82 -6.11
C SER A 195 7.61 16.58 -6.55
N ALA A 196 7.56 17.87 -6.24
CA ALA A 196 6.53 18.77 -6.80
C ALA A 196 7.05 19.20 -8.19
N LYS A 197 6.36 18.75 -9.23
CA LYS A 197 6.84 18.91 -10.62
C LYS A 197 5.84 19.66 -11.43
N CYS A 198 6.31 20.43 -12.42
CA CYS A 198 5.44 21.16 -13.38
C CYS A 198 4.86 20.12 -14.31
N SER A 199 3.52 20.07 -14.41
CA SER A 199 2.81 19.00 -15.13
C SER A 199 3.15 19.04 -16.62
N GLY A 200 3.44 20.25 -17.13
CA GLY A 200 3.62 20.37 -18.60
C GLY A 200 5.02 20.09 -19.01
N THR A 201 6.02 20.37 -18.15
CA THR A 201 7.43 20.40 -18.60
C THR A 201 8.34 19.47 -17.86
N ASN A 202 7.88 18.98 -16.71
CA ASN A 202 8.68 18.11 -15.83
C ASN A 202 9.81 18.84 -15.12
N THR A 203 9.74 20.17 -15.10
CA THR A 203 10.65 20.96 -14.30
C THR A 203 10.18 20.92 -12.83
N PRO A 204 11.12 20.74 -11.89
CA PRO A 204 10.66 20.87 -10.46
C PRO A 204 10.08 22.23 -10.19
N VAL A 205 9.01 22.30 -9.40
CA VAL A 205 8.34 23.58 -9.19
C VAL A 205 9.33 24.55 -8.52
N ARG A 206 10.18 24.07 -7.65
CA ARG A 206 11.14 25.02 -7.00
C ARG A 206 12.13 25.71 -7.97
N ALA A 207 12.28 25.13 -9.16
CA ALA A 207 13.22 25.60 -10.16
C ALA A 207 12.59 26.61 -11.13
N VAL A 208 11.29 26.83 -11.01
CA VAL A 208 10.61 27.73 -11.97
C VAL A 208 10.93 29.21 -11.67
N THR A 209 11.15 29.98 -12.70
CA THR A 209 11.24 31.42 -12.44
C THR A 209 10.42 32.19 -13.44
N GLU A 210 10.31 33.48 -13.20
CA GLU A 210 9.42 34.25 -13.99
C GLU A 210 9.90 34.38 -15.45
N ALA A 211 11.14 33.99 -15.78
CA ALA A 211 11.59 34.06 -17.18
C ALA A 211 10.72 33.13 -18.02
N SER A 212 10.09 32.14 -17.38
CA SER A 212 9.37 31.11 -18.15
C SER A 212 7.84 31.18 -17.98
N THR A 213 7.35 32.17 -17.22
CA THR A 213 5.91 32.23 -16.93
C THR A 213 5.27 33.38 -17.67
N SER A 214 3.94 33.39 -17.74
CA SER A 214 3.21 34.48 -18.39
C SER A 214 1.85 34.70 -17.73
N PRO A 215 1.47 35.96 -17.55
CA PRO A 215 0.14 36.22 -16.99
C PRO A 215 -1.01 35.85 -17.94
N SER A 216 -0.70 35.74 -19.24
CA SER A 216 -1.68 35.45 -20.27
C SER A 216 -1.86 33.94 -20.42
N LYS A 217 -1.09 33.15 -19.66
CA LYS A 217 -1.22 31.71 -19.80
C LYS A 217 -1.82 31.13 -18.53
N CYS A 218 -2.91 31.71 -18.06
CA CYS A 218 -3.44 31.36 -16.75
C CYS A 218 -4.86 30.77 -16.74
N PRO A 219 -5.06 29.60 -17.36
CA PRO A 219 -6.44 29.10 -17.57
C PRO A 219 -7.12 28.57 -16.28
N ALA B 2 16.89 -22.69 -8.68
CA ALA B 2 18.33 -22.64 -8.23
C ALA B 2 18.59 -21.24 -7.70
N CYS B 3 17.71 -20.87 -6.80
CA CYS B 3 17.43 -19.49 -6.52
C CYS B 3 18.60 -18.75 -5.85
N PRO B 4 18.94 -17.55 -6.33
CA PRO B 4 19.88 -16.71 -5.52
C PRO B 4 19.37 -16.60 -4.08
N SER B 5 20.25 -16.58 -3.07
CA SER B 5 19.74 -16.60 -1.69
C SER B 5 18.93 -15.37 -1.36
N GLN B 6 19.24 -14.25 -2.01
CA GLN B 6 18.52 -12.96 -1.80
C GLN B 6 17.07 -12.97 -2.29
N CYS B 7 16.73 -13.97 -3.10
CA CYS B 7 15.51 -13.87 -3.88
C CYS B 7 14.54 -14.95 -3.50
N SER B 8 13.33 -14.85 -4.01
CA SER B 8 12.34 -15.93 -3.91
C SER B 8 12.08 -16.47 -5.25
N CYS B 9 11.94 -17.79 -5.38
CA CYS B 9 11.73 -18.30 -6.72
C CYS B 9 10.78 -19.50 -6.59
N SER B 10 9.67 -19.45 -7.29
CA SER B 10 8.86 -20.67 -7.44
C SER B 10 8.34 -20.65 -8.84
N GLY B 11 8.17 -21.87 -9.40
CA GLY B 11 7.73 -21.93 -10.75
C GLY B 11 8.70 -21.22 -11.69
N THR B 12 8.15 -20.32 -12.56
CA THR B 12 9.04 -19.63 -13.54
C THR B 12 9.13 -18.15 -13.17
N GLU B 13 8.84 -17.80 -11.91
CA GLU B 13 8.95 -16.38 -11.50
C GLU B 13 10.07 -16.24 -10.51
N VAL B 14 10.87 -15.17 -10.67
CA VAL B 14 11.95 -14.97 -9.70
C VAL B 14 11.76 -13.53 -9.17
N ASN B 15 11.70 -13.41 -7.82
CA ASN B 15 11.42 -12.09 -7.21
C ASN B 15 12.64 -11.66 -6.42
N CYS B 16 13.39 -10.71 -6.98
CA CYS B 16 14.54 -10.11 -6.30
C CYS B 16 14.25 -8.68 -5.94
N ALA B 17 12.97 -8.28 -5.92
CA ALA B 17 12.64 -6.87 -5.78
C ALA B 17 12.94 -6.37 -4.38
N GLY B 18 13.56 -5.18 -4.31
CA GLY B 18 13.50 -4.44 -3.05
C GLY B 18 14.44 -5.07 -2.09
N LYS B 19 15.49 -5.68 -2.61
CA LYS B 19 16.47 -6.34 -1.77
C LYS B 19 17.79 -5.56 -1.62
N SER B 20 17.83 -4.26 -1.87
CA SER B 20 19.11 -3.48 -1.79
C SER B 20 20.24 -4.09 -2.60
N LEU B 21 19.91 -4.70 -3.72
CA LEU B 21 20.91 -5.26 -4.57
C LEU B 21 21.70 -4.21 -5.38
N ALA B 22 22.98 -4.42 -5.57
CA ALA B 22 23.78 -3.43 -6.31
C ALA B 22 24.11 -3.97 -7.67
N SER B 23 23.83 -5.26 -7.85
CA SER B 23 23.97 -5.87 -9.14
C SER B 23 23.03 -7.06 -9.22
N VAL B 24 22.85 -7.52 -10.43
CA VAL B 24 21.95 -8.62 -10.71
C VAL B 24 22.64 -9.87 -10.20
N PRO B 25 21.98 -10.64 -9.32
CA PRO B 25 22.54 -11.86 -8.70
C PRO B 25 22.78 -12.94 -9.72
N ALA B 26 23.85 -13.70 -9.49
CA ALA B 26 24.09 -14.92 -10.26
C ALA B 26 23.05 -16.03 -9.96
N GLY B 27 22.89 -16.94 -10.92
CA GLY B 27 22.15 -18.17 -10.66
C GLY B 27 20.62 -18.10 -10.85
N ILE B 28 20.14 -17.05 -11.53
CA ILE B 28 18.73 -16.98 -11.91
C ILE B 28 18.52 -18.16 -12.89
N PRO B 29 17.49 -19.01 -12.66
CA PRO B 29 17.35 -20.18 -13.48
C PRO B 29 17.06 -19.88 -14.96
N THR B 30 17.52 -20.76 -15.84
CA THR B 30 17.30 -20.51 -17.26
C THR B 30 15.79 -20.58 -17.66
N THR B 31 15.02 -21.28 -16.85
CA THR B 31 13.61 -21.45 -17.16
C THR B 31 12.78 -20.19 -16.74
N THR B 32 13.42 -19.17 -16.18
CA THR B 32 12.70 -17.99 -15.69
C THR B 32 11.90 -17.25 -16.79
N ARG B 33 10.63 -16.93 -16.46
CA ARG B 33 9.78 -16.21 -17.41
C ARG B 33 9.49 -14.84 -16.90
N VAL B 34 9.39 -14.70 -15.61
CA VAL B 34 9.07 -13.35 -15.03
C VAL B 34 10.13 -13.00 -14.00
N LEU B 35 10.83 -11.87 -14.19
CA LEU B 35 11.94 -11.56 -13.33
C LEU B 35 11.78 -10.13 -12.75
N TYR B 36 11.65 -10.06 -11.44
CA TYR B 36 11.52 -8.76 -10.74
C TYR B 36 12.81 -8.35 -10.16
N LEU B 37 13.40 -7.30 -10.76
CA LEU B 37 14.66 -6.74 -10.24
C LEU B 37 14.35 -5.33 -9.80
N ASN B 38 13.11 -4.92 -9.71
CA ASN B 38 12.77 -3.47 -9.44
C ASN B 38 13.17 -3.06 -8.00
N SER B 39 13.33 -1.77 -7.84
CA SER B 39 13.34 -1.17 -6.49
C SER B 39 14.61 -1.63 -5.70
N ASN B 40 15.71 -1.74 -6.40
CA ASN B 40 17.01 -2.07 -5.86
C ASN B 40 17.95 -0.87 -5.97
N GLN B 41 19.24 -1.08 -5.80
CA GLN B 41 20.22 0.03 -5.99
C GLN B 41 21.16 -0.37 -7.09
N ILE B 42 20.61 -0.97 -8.14
CA ILE B 42 21.42 -1.33 -9.28
C ILE B 42 21.79 -0.13 -10.15
N THR B 43 23.10 0.07 -10.34
CA THR B 43 23.51 1.29 -11.01
C THR B 43 24.03 0.98 -12.42
N LYS B 44 24.42 -0.24 -12.69
CA LYS B 44 24.81 -0.59 -14.06
C LYS B 44 24.53 -2.08 -14.25
N LEU B 45 24.37 -2.48 -15.50
CA LEU B 45 24.19 -3.85 -15.82
C LEU B 45 25.40 -4.21 -16.62
N GLU B 46 25.92 -5.38 -16.31
CA GLU B 46 27.01 -6.01 -17.08
C GLU B 46 26.48 -6.40 -18.46
N PRO B 47 27.28 -6.19 -19.55
CA PRO B 47 26.81 -6.87 -20.72
C PRO B 47 26.83 -8.35 -20.37
N GLY B 48 25.91 -9.02 -21.03
CA GLY B 48 25.79 -10.43 -20.91
C GLY B 48 24.87 -10.93 -19.79
N VAL B 49 24.45 -10.02 -18.90
CA VAL B 49 23.77 -10.39 -17.68
C VAL B 49 22.48 -11.21 -17.99
N PHE B 50 21.82 -10.95 -19.11
CA PHE B 50 20.51 -11.62 -19.40
C PHE B 50 20.67 -12.64 -20.44
N ASP B 51 21.92 -12.90 -20.86
CA ASP B 51 22.16 -13.74 -22.03
C ASP B 51 21.65 -15.16 -21.89
N ARG B 52 21.70 -15.71 -20.68
CA ARG B 52 21.22 -17.07 -20.38
C ARG B 52 19.66 -17.18 -20.26
N LEU B 53 19.00 -16.03 -20.05
CA LEU B 53 17.55 -15.92 -19.68
C LEU B 53 16.66 -15.74 -20.89
N ALA B 54 16.83 -16.64 -21.85
CA ALA B 54 16.12 -16.51 -23.09
C ALA B 54 14.60 -16.73 -23.00
N ASN B 55 14.18 -17.32 -21.87
CA ASN B 55 12.81 -17.59 -21.70
C ASN B 55 12.04 -16.37 -21.09
N LEU B 56 12.68 -15.29 -20.74
CA LEU B 56 11.96 -14.22 -20.17
C LEU B 56 10.86 -13.68 -21.04
N ARG B 57 9.73 -13.51 -20.41
CA ARG B 57 8.54 -12.81 -20.98
C ARG B 57 8.36 -11.42 -20.35
N GLU B 58 8.69 -11.26 -19.05
CA GLU B 58 8.51 -9.95 -18.38
C GLU B 58 9.72 -9.63 -17.57
N LEU B 59 10.26 -8.41 -17.77
CA LEU B 59 11.47 -8.01 -17.03
C LEU B 59 11.28 -6.70 -16.38
N HIS B 60 11.36 -6.67 -15.06
CA HIS B 60 11.00 -5.44 -14.30
C HIS B 60 12.30 -4.89 -13.79
N LEU B 61 12.73 -3.75 -14.34
CA LEU B 61 13.98 -3.11 -13.93
C LEU B 61 13.67 -1.71 -13.36
N TRP B 62 12.41 -1.41 -13.10
CA TRP B 62 12.05 -0.02 -12.68
C TRP B 62 12.51 0.26 -11.29
N GLY B 63 12.70 1.55 -11.05
CA GLY B 63 13.07 2.02 -9.72
C GLY B 63 14.49 1.63 -9.33
N ASN B 64 15.41 1.47 -10.25
CA ASN B 64 16.83 1.32 -9.94
C ASN B 64 17.50 2.69 -10.24
N GLN B 65 18.82 2.72 -10.33
CA GLN B 65 19.58 3.95 -10.62
C GLN B 65 20.42 3.81 -11.81
N LEU B 66 19.92 3.09 -12.83
CA LEU B 66 20.68 2.91 -14.00
C LEU B 66 20.92 4.23 -14.72
N VAL B 67 22.19 4.50 -15.14
CA VAL B 67 22.50 5.71 -15.92
C VAL B 67 22.88 5.42 -17.33
N SER B 68 23.03 4.15 -17.65
CA SER B 68 23.21 3.71 -19.04
C SER B 68 22.75 2.25 -19.16
N LEU B 69 22.59 1.80 -20.40
CA LEU B 69 22.34 0.39 -20.69
C LEU B 69 23.37 -0.07 -21.71
N PRO B 70 23.90 -1.29 -21.54
CA PRO B 70 24.80 -1.78 -22.61
C PRO B 70 23.99 -2.02 -23.89
N PRO B 71 24.57 -1.77 -25.05
CA PRO B 71 23.86 -1.86 -26.30
C PRO B 71 23.13 -3.18 -26.62
N GLY B 72 23.68 -4.30 -26.20
CA GLY B 72 23.08 -5.55 -26.68
C GLY B 72 22.42 -6.28 -25.50
N VAL B 73 22.16 -5.55 -24.39
CA VAL B 73 21.82 -6.23 -23.17
C VAL B 73 20.52 -7.05 -23.30
N PHE B 74 19.65 -6.66 -24.22
CA PHE B 74 18.40 -7.39 -24.40
C PHE B 74 18.39 -8.30 -25.61
N ASP B 75 19.56 -8.51 -26.26
CA ASP B 75 19.59 -9.14 -27.57
C ASP B 75 19.10 -10.58 -27.62
N ASN B 76 19.28 -11.32 -26.53
CA ASN B 76 18.81 -12.77 -26.46
C ASN B 76 17.36 -12.96 -25.97
N LEU B 77 16.67 -11.84 -25.76
CA LEU B 77 15.32 -11.96 -25.13
C LEU B 77 14.25 -11.96 -26.18
N ALA B 78 14.21 -13.03 -27.04
CA ALA B 78 13.34 -13.03 -28.17
C ALA B 78 11.89 -13.24 -27.79
N ASN B 79 11.69 -13.75 -26.57
CA ASN B 79 10.30 -14.05 -26.10
C ASN B 79 9.75 -12.85 -25.26
N LEU B 80 10.51 -11.77 -25.12
CA LEU B 80 10.10 -10.81 -24.12
C LEU B 80 8.83 -10.03 -24.61
N GLU B 81 7.86 -9.84 -23.71
CA GLU B 81 6.55 -9.23 -24.03
C GLU B 81 6.44 -7.91 -23.23
N LYS B 82 7.04 -7.85 -22.04
CA LYS B 82 6.93 -6.58 -21.21
C LYS B 82 8.24 -6.23 -20.62
N LEU B 83 8.66 -5.00 -20.84
CA LEU B 83 9.95 -4.49 -20.33
C LEU B 83 9.71 -3.14 -19.65
N TRP B 84 9.99 -3.11 -18.37
CA TRP B 84 9.69 -1.89 -17.57
C TRP B 84 11.01 -1.29 -17.07
N LEU B 85 11.34 -0.08 -17.55
CA LEU B 85 12.58 0.58 -17.16
C LEU B 85 12.26 1.85 -16.46
N ASN B 86 10.98 2.06 -16.13
CA ASN B 86 10.51 3.33 -15.47
C ASN B 86 11.34 3.72 -14.27
N SER B 87 11.59 5.03 -14.14
CA SER B 87 12.13 5.58 -12.88
C SER B 87 13.60 5.24 -12.65
N ASN B 88 14.35 4.95 -13.71
CA ASN B 88 15.81 4.86 -13.63
C ASN B 88 16.36 6.25 -13.94
N GLN B 89 17.66 6.34 -14.21
CA GLN B 89 18.31 7.66 -14.47
C GLN B 89 18.85 7.83 -15.87
N LEU B 90 18.27 7.12 -16.80
CA LEU B 90 18.79 7.16 -18.15
C LEU B 90 18.59 8.53 -18.83
N THR B 91 19.60 9.02 -19.55
CA THR B 91 19.48 10.24 -20.38
C THR B 91 19.43 10.01 -21.86
N SER B 92 19.83 8.76 -22.28
CA SER B 92 19.72 8.41 -23.68
C SER B 92 19.57 6.88 -23.70
N LEU B 93 19.34 6.34 -24.88
CA LEU B 93 19.33 4.90 -25.05
C LEU B 93 20.32 4.63 -26.18
N PRO B 94 21.07 3.49 -26.13
CA PRO B 94 21.98 3.14 -27.26
C PRO B 94 21.19 2.77 -28.51
N ALA B 95 21.73 3.17 -29.66
CA ALA B 95 21.14 2.76 -30.91
C ALA B 95 21.05 1.24 -30.93
N GLY B 96 19.88 0.73 -31.35
CA GLY B 96 19.74 -0.72 -31.54
C GLY B 96 19.15 -1.49 -30.34
N LEU B 97 19.09 -0.85 -29.18
CA LEU B 97 18.78 -1.47 -27.93
C LEU B 97 17.59 -2.42 -27.95
N PHE B 98 16.55 -2.07 -28.70
CA PHE B 98 15.32 -2.88 -28.63
C PHE B 98 15.19 -3.72 -29.86
N ASP B 99 16.22 -3.72 -30.75
CA ASP B 99 16.02 -4.37 -32.07
C ASP B 99 15.60 -5.84 -32.09
N ARG B 100 16.05 -6.63 -31.10
CA ARG B 100 15.75 -8.07 -31.06
C ARG B 100 14.37 -8.34 -30.41
N LEU B 101 13.70 -7.30 -29.86
CA LEU B 101 12.51 -7.59 -29.02
C LEU B 101 11.25 -7.62 -29.85
N VAL B 102 11.27 -8.50 -30.88
CA VAL B 102 10.27 -8.49 -31.85
C VAL B 102 8.84 -8.86 -31.38
N ASN B 103 8.75 -9.45 -30.20
CA ASN B 103 7.48 -9.81 -29.64
C ASN B 103 7.06 -8.86 -28.52
N LEU B 104 7.85 -7.81 -28.33
CA LEU B 104 7.53 -6.93 -27.16
C LEU B 104 6.17 -6.21 -27.34
N GLU B 105 5.36 -6.19 -26.26
CA GLU B 105 4.02 -5.62 -26.37
C GLU B 105 3.90 -4.36 -25.45
N HIS B 106 4.68 -4.32 -24.41
CA HIS B 106 4.63 -3.13 -23.48
C HIS B 106 6.02 -2.67 -23.19
N LEU B 107 6.27 -1.38 -23.36
CA LEU B 107 7.58 -0.79 -23.07
C LEU B 107 7.41 0.43 -22.23
N GLY B 108 7.93 0.37 -21.02
CA GLY B 108 7.79 1.50 -20.02
C GLY B 108 9.17 2.19 -19.90
N LEU B 109 9.18 3.45 -20.32
CA LEU B 109 10.38 4.30 -20.26
C LEU B 109 10.06 5.58 -19.50
N CYS B 110 9.00 5.62 -18.74
CA CYS B 110 8.67 6.93 -18.09
C CYS B 110 9.55 7.26 -16.91
N CYS B 111 9.50 8.54 -16.53
CA CYS B 111 10.01 8.96 -15.27
C CYS B 111 11.51 8.86 -15.14
N MET B 112 12.22 9.14 -16.23
CA MET B 112 13.72 9.15 -16.25
C MET B 112 14.16 10.56 -16.62
N LYS B 113 15.29 10.65 -17.29
CA LYS B 113 15.86 11.94 -17.68
C LYS B 113 16.15 11.91 -19.15
N LEU B 114 15.46 11.07 -19.96
CA LEU B 114 15.79 10.99 -21.41
C LEU B 114 15.74 12.35 -22.09
N THR B 115 16.82 12.75 -22.73
CA THR B 115 16.75 14.02 -23.44
C THR B 115 16.63 13.86 -24.97
N GLU B 116 16.81 12.64 -25.43
CA GLU B 116 16.55 12.37 -26.85
C GLU B 116 16.38 10.85 -27.05
N LEU B 117 15.87 10.43 -28.22
CA LEU B 117 15.84 8.99 -28.51
C LEU B 117 16.66 8.81 -29.78
N PRO B 118 17.34 7.68 -29.90
CA PRO B 118 18.14 7.47 -31.14
C PRO B 118 17.18 7.28 -32.30
N SER B 119 17.59 7.69 -33.51
CA SER B 119 16.81 7.38 -34.68
C SER B 119 16.73 5.83 -34.79
N GLY B 120 15.53 5.42 -35.15
CA GLY B 120 15.23 3.98 -35.36
C GLY B 120 15.01 3.17 -34.10
N ALA B 121 14.96 3.85 -32.92
CA ALA B 121 14.81 3.16 -31.63
C ALA B 121 13.67 2.03 -31.61
N PHE B 122 12.58 2.33 -32.26
CA PHE B 122 11.40 1.46 -32.19
C PHE B 122 11.09 0.74 -33.50
N ASP B 123 12.04 0.78 -34.45
CA ASP B 123 11.67 0.34 -35.82
C ASP B 123 11.35 -1.14 -35.93
N LYS B 124 11.89 -1.93 -35.03
CA LYS B 124 11.65 -3.42 -35.11
C LYS B 124 10.44 -3.90 -34.26
N LEU B 125 9.76 -2.98 -33.53
CA LEU B 125 8.77 -3.46 -32.55
C LEU B 125 7.39 -3.58 -33.09
N THR B 126 7.22 -4.55 -34.02
CA THR B 126 6.04 -4.63 -34.76
C THR B 126 4.82 -4.97 -33.92
N ARG B 127 5.05 -5.59 -32.80
CA ARG B 127 3.91 -5.98 -31.88
C ARG B 127 3.70 -5.06 -30.73
N LEU B 128 4.48 -3.98 -30.69
CA LEU B 128 4.28 -3.06 -29.55
C LEU B 128 2.89 -2.41 -29.47
N LYS B 129 2.26 -2.55 -28.28
CA LYS B 129 0.95 -2.02 -28.01
C LYS B 129 0.97 -0.80 -27.14
N GLN B 130 1.82 -0.77 -26.14
CA GLN B 130 1.83 0.36 -25.17
C GLN B 130 3.25 0.88 -24.99
N LEU B 131 3.38 2.19 -25.12
CA LEU B 131 4.68 2.87 -25.05
C LEU B 131 4.59 4.09 -24.15
N GLY B 132 5.38 4.03 -23.10
CA GLY B 132 5.33 5.15 -22.04
C GLY B 132 6.63 5.95 -22.15
N LEU B 133 6.51 7.22 -22.55
CA LEU B 133 7.67 8.16 -22.70
C LEU B 133 7.41 9.39 -21.85
N ASP B 134 6.39 9.34 -21.03
CA ASP B 134 6.02 10.56 -20.18
C ASP B 134 7.07 10.78 -19.12
N GLN B 135 7.09 12.06 -18.71
CA GLN B 135 7.86 12.46 -17.48
C GLN B 135 9.35 12.18 -17.72
N ASN B 136 9.82 12.70 -18.87
CA ASN B 136 11.27 12.69 -19.19
C ASN B 136 11.76 14.10 -19.44
N GLN B 137 12.79 14.29 -20.25
CA GLN B 137 13.20 15.65 -20.59
C GLN B 137 13.27 15.77 -22.11
N LEU B 138 12.34 15.09 -22.80
CA LEU B 138 12.42 15.04 -24.25
C LEU B 138 11.97 16.39 -24.85
N LYS B 139 12.68 16.81 -25.90
CA LYS B 139 12.33 18.02 -26.63
C LYS B 139 11.75 17.79 -27.99
N SER B 140 11.97 16.61 -28.57
CA SER B 140 11.37 16.29 -29.90
C SER B 140 11.49 14.76 -30.07
N ILE B 141 10.85 14.26 -31.12
CA ILE B 141 10.96 12.84 -31.50
C ILE B 141 11.60 12.79 -32.89
N PRO B 142 12.61 11.94 -33.08
CA PRO B 142 13.22 11.87 -34.42
C PRO B 142 12.21 11.56 -35.53
N ASP B 143 12.45 12.13 -36.71
CA ASP B 143 11.50 11.96 -37.82
C ASP B 143 11.31 10.49 -38.13
N GLY B 144 10.06 10.13 -38.27
CA GLY B 144 9.67 8.68 -38.53
C GLY B 144 9.88 7.69 -37.39
N ALA B 145 10.12 8.19 -36.15
CA ALA B 145 10.29 7.28 -35.02
C ALA B 145 9.15 6.31 -34.76
N PHE B 146 7.93 6.67 -35.08
CA PHE B 146 6.84 5.79 -34.75
C PHE B 146 6.26 5.15 -35.98
N ALA B 147 6.93 5.27 -37.12
CA ALA B 147 6.30 4.82 -38.39
C ALA B 147 6.18 3.31 -38.47
N ARG B 148 6.96 2.56 -37.74
CA ARG B 148 6.86 1.10 -37.83
C ARG B 148 6.31 0.49 -36.54
N LEU B 149 5.37 1.20 -35.93
CA LEU B 149 4.62 0.71 -34.74
C LEU B 149 3.20 0.51 -35.08
N PRO B 150 2.91 -0.46 -35.98
CA PRO B 150 1.63 -0.66 -36.45
C PRO B 150 0.64 -1.19 -35.39
N SER B 151 1.14 -1.73 -34.27
CA SER B 151 0.26 -2.36 -33.26
C SER B 151 -0.06 -1.36 -32.14
N LEU B 152 0.50 -0.14 -32.26
CA LEU B 152 0.46 0.75 -31.06
C LEU B 152 -1.00 1.23 -30.77
N THR B 153 -1.41 1.09 -29.50
CA THR B 153 -2.76 1.45 -29.16
C THR B 153 -2.77 2.44 -27.99
N HIS B 154 -1.59 2.54 -27.32
CA HIS B 154 -1.59 3.47 -26.15
C HIS B 154 -0.21 4.07 -26.09
N VAL B 155 -0.14 5.40 -26.03
CA VAL B 155 1.18 6.02 -25.87
C VAL B 155 1.05 7.18 -24.87
N TRP B 156 2.13 7.39 -24.11
CA TRP B 156 2.08 8.50 -23.10
C TRP B 156 3.24 9.43 -23.55
N LEU B 157 2.92 10.73 -23.65
CA LEU B 157 3.93 11.67 -24.13
C LEU B 157 3.94 12.87 -23.25
N HIS B 158 3.09 12.83 -22.25
CA HIS B 158 3.01 14.08 -21.40
C HIS B 158 4.15 14.29 -20.48
N THR B 159 4.17 15.50 -19.91
CA THR B 159 5.22 15.89 -18.93
C THR B 159 6.59 15.75 -19.50
N ASN B 160 6.77 16.30 -20.70
CA ASN B 160 8.10 16.49 -21.30
C ASN B 160 8.10 17.93 -21.80
N PRO B 161 9.28 18.56 -21.82
CA PRO B 161 9.38 19.96 -22.30
C PRO B 161 9.56 20.02 -23.83
N TRP B 162 8.47 19.64 -24.53
CA TRP B 162 8.50 19.60 -25.99
C TRP B 162 8.86 20.99 -26.53
N ASP B 163 9.82 21.00 -27.47
CA ASP B 163 10.25 22.32 -28.06
C ASP B 163 9.50 22.58 -29.37
N CYS B 164 8.47 23.38 -29.26
CA CYS B 164 7.51 23.61 -30.38
C CYS B 164 7.92 24.81 -31.22
N GLN B 165 9.12 25.35 -30.97
CA GLN B 165 9.58 26.47 -31.83
C GLN B 165 10.38 25.96 -32.98
N CYS B 166 10.98 24.76 -32.79
CA CYS B 166 11.96 24.19 -33.68
C CYS B 166 11.28 23.34 -34.76
N THR B 167 11.81 23.41 -35.97
CA THR B 167 11.25 22.67 -37.09
C THR B 167 11.22 21.16 -36.77
N ASP B 168 12.09 20.71 -35.90
CA ASP B 168 12.17 19.25 -35.57
C ASP B 168 10.90 18.70 -34.87
N ILE B 169 10.06 19.59 -34.34
CA ILE B 169 8.84 19.16 -33.67
C ILE B 169 7.78 18.68 -34.68
N LEU B 170 7.94 19.02 -35.96
CA LEU B 170 6.80 18.86 -36.84
C LEU B 170 6.44 17.37 -37.09
N TYR B 171 7.42 16.47 -37.02
CA TYR B 171 7.03 15.06 -37.07
C TYR B 171 6.11 14.71 -35.93
N LEU B 172 6.54 15.01 -34.69
CA LEU B 172 5.67 14.65 -33.56
C LEU B 172 4.30 15.37 -33.63
N SER B 173 4.29 16.68 -33.98
CA SER B 173 2.98 17.30 -33.97
C SER B 173 1.98 16.64 -34.96
N GLY B 174 2.47 16.37 -36.16
CA GLY B 174 1.64 15.75 -37.26
C GLY B 174 1.21 14.35 -36.76
N TRP B 175 2.16 13.68 -36.15
CA TRP B 175 1.90 12.31 -35.63
C TRP B 175 0.82 12.30 -34.55
N VAL B 176 0.91 13.21 -33.57
CA VAL B 176 -0.05 13.20 -32.51
C VAL B 176 -1.45 13.53 -33.09
N ALA B 177 -1.50 14.49 -33.98
CA ALA B 177 -2.76 14.92 -34.59
C ALA B 177 -3.40 13.68 -35.24
N GLN B 178 -2.59 12.97 -36.05
CA GLN B 178 -3.08 11.85 -36.80
C GLN B 178 -3.38 10.60 -35.91
N HIS B 179 -2.82 10.50 -34.72
CA HIS B 179 -3.01 9.33 -33.85
C HIS B 179 -3.58 9.79 -32.47
N SER B 180 -4.37 10.87 -32.51
CA SER B 180 -4.92 11.39 -31.26
C SER B 180 -5.67 10.41 -30.39
N SER B 181 -6.32 9.41 -31.01
CA SER B 181 -7.05 8.44 -30.20
C SER B 181 -6.25 7.56 -29.25
N ILE B 182 -4.92 7.47 -29.50
CA ILE B 182 -4.10 6.64 -28.68
C ILE B 182 -3.26 7.37 -27.66
N VAL B 183 -3.39 8.72 -27.64
CA VAL B 183 -2.49 9.49 -26.76
C VAL B 183 -3.20 9.79 -25.42
N GLY B 184 -2.50 9.53 -24.33
CA GLY B 184 -3.10 9.65 -22.99
C GLY B 184 -2.19 9.70 -21.85
N GLU B 185 -2.81 9.53 -20.69
CA GLU B 185 -2.17 9.69 -19.43
C GLU B 185 -2.76 8.81 -18.36
N GLY B 186 -1.98 8.53 -17.33
CA GLY B 186 -2.43 7.84 -16.14
C GLY B 186 -2.12 6.35 -16.21
N TRP B 187 -2.38 5.69 -15.09
CA TRP B 187 -2.28 4.23 -15.05
C TRP B 187 -3.51 3.61 -14.40
N PRO B 188 -4.23 2.72 -15.13
CA PRO B 188 -4.11 2.42 -16.57
C PRO B 188 -4.47 3.66 -17.41
N TRP B 189 -4.21 3.59 -18.72
CA TRP B 189 -4.28 4.71 -19.58
C TRP B 189 -5.68 5.32 -19.62
N ARG B 190 -5.72 6.62 -19.64
CA ARG B 190 -6.92 7.42 -19.96
C ARG B 190 -6.67 8.34 -21.13
N HIS B 191 -7.69 8.55 -21.98
CA HIS B 191 -7.56 9.29 -23.16
C HIS B 191 -7.28 10.79 -22.88
N SER B 192 -6.20 11.34 -23.47
CA SER B 192 -5.77 12.76 -23.19
C SER B 192 -4.86 13.33 -24.30
N PRO B 193 -5.43 13.62 -25.46
CA PRO B 193 -4.56 13.89 -26.60
C PRO B 193 -3.91 15.26 -26.57
N ASP B 194 -4.45 16.14 -25.72
CA ASP B 194 -3.80 17.45 -25.56
C ASP B 194 -2.78 17.44 -24.45
N SER B 195 -2.49 16.25 -23.89
CA SER B 195 -1.53 16.19 -22.75
C SER B 195 -0.05 16.35 -23.13
N ALA B 196 0.32 16.22 -24.43
CA ALA B 196 1.69 16.59 -24.86
C ALA B 196 1.65 18.06 -25.11
N LYS B 197 2.44 18.83 -24.36
CA LYS B 197 2.28 20.26 -24.38
C LYS B 197 3.61 20.91 -24.76
N CYS B 198 3.53 22.08 -25.44
CA CYS B 198 4.68 22.91 -25.79
C CYS B 198 5.26 23.55 -24.56
N SER B 199 6.54 23.47 -24.36
CA SER B 199 7.28 24.01 -23.17
C SER B 199 7.13 25.53 -23.04
N GLY B 200 7.09 26.22 -24.16
CA GLY B 200 7.11 27.73 -24.12
C GLY B 200 5.76 28.38 -23.97
N THR B 201 4.70 27.67 -24.27
CA THR B 201 3.35 28.30 -24.31
C THR B 201 2.31 27.41 -23.61
N ASN B 202 2.70 26.18 -23.28
CA ASN B 202 1.74 25.24 -22.70
C ASN B 202 0.53 25.00 -23.62
N THR B 203 0.71 25.26 -24.94
CA THR B 203 -0.22 24.97 -26.08
C THR B 203 -0.08 23.43 -26.34
N PRO B 204 -1.14 22.74 -26.81
CA PRO B 204 -0.90 21.34 -27.29
C PRO B 204 0.06 21.17 -28.46
N VAL B 205 0.89 20.16 -28.36
CA VAL B 205 1.84 19.82 -29.40
C VAL B 205 1.11 19.51 -30.69
N ARG B 206 -0.02 18.86 -30.58
CA ARG B 206 -0.80 18.48 -31.81
C ARG B 206 -1.37 19.62 -32.60
N ALA B 207 -1.35 20.81 -32.04
CA ALA B 207 -1.81 22.00 -32.73
C ALA B 207 -0.74 22.76 -33.46
N VAL B 208 0.53 22.33 -33.34
CA VAL B 208 1.61 23.10 -33.90
C VAL B 208 1.61 22.88 -35.41
N THR B 209 1.85 23.95 -36.15
CA THR B 209 1.99 23.89 -37.60
C THR B 209 3.28 24.56 -38.03
N GLU B 210 3.67 24.32 -39.27
CA GLU B 210 4.94 24.82 -39.69
C GLU B 210 5.00 26.34 -39.75
N ALA B 211 3.83 27.01 -39.72
CA ALA B 211 3.76 28.47 -39.74
C ALA B 211 4.45 29.10 -38.52
N SER B 212 4.50 28.41 -37.40
CA SER B 212 5.06 28.99 -36.20
C SER B 212 6.48 28.42 -35.83
N THR B 213 7.04 27.50 -36.64
CA THR B 213 8.31 26.86 -36.35
C THR B 213 9.38 27.36 -37.28
N SER B 214 10.64 27.21 -36.92
CA SER B 214 11.70 27.71 -37.75
C SER B 214 12.95 26.94 -37.47
N PRO B 215 13.76 26.71 -38.49
CA PRO B 215 15.05 26.05 -38.26
C PRO B 215 16.01 26.93 -37.42
N SER B 216 15.85 28.25 -37.41
CA SER B 216 16.78 29.03 -36.60
C SER B 216 16.44 29.00 -35.11
N LYS B 217 15.26 28.50 -34.76
CA LYS B 217 14.87 28.39 -33.34
C LYS B 217 15.27 27.06 -32.72
N CYS B 218 16.06 26.27 -33.44
CA CYS B 218 16.55 24.98 -32.89
C CYS B 218 17.79 25.24 -32.04
N PRO B 219 17.89 24.51 -30.94
CA PRO B 219 19.16 24.65 -30.22
C PRO B 219 20.21 23.67 -30.79
N ALA C 2 22.04 17.28 12.83
CA ALA C 2 23.18 16.56 12.16
C ALA C 2 22.77 15.22 11.51
N CYS C 3 21.61 15.20 10.86
CA CYS C 3 20.92 14.00 10.34
C CYS C 3 21.80 12.85 9.78
N PRO C 4 21.56 11.62 10.24
CA PRO C 4 22.32 10.51 9.64
C PRO C 4 22.07 10.48 8.15
N SER C 5 23.14 10.26 7.36
CA SER C 5 23.02 10.09 5.92
C SER C 5 21.90 9.16 5.43
N GLN C 6 21.70 8.04 6.11
CA GLN C 6 20.68 7.01 5.66
C GLN C 6 19.19 7.48 5.82
N CYS C 7 18.99 8.44 6.71
CA CYS C 7 17.66 8.75 7.22
C CYS C 7 17.17 10.09 6.65
N SER C 8 15.89 10.39 6.86
CA SER C 8 15.29 11.68 6.58
C SER C 8 14.92 12.32 7.87
N CYS C 9 15.20 13.61 8.06
CA CYS C 9 14.93 14.27 9.35
C CYS C 9 14.41 15.64 9.05
N SER C 10 13.25 15.96 9.55
CA SER C 10 12.75 17.32 9.53
C SER C 10 11.99 17.54 10.81
N GLY C 11 12.05 18.75 11.35
CA GLY C 11 11.35 18.97 12.64
C GLY C 11 11.91 18.05 13.68
N THR C 12 10.99 17.38 14.42
CA THR C 12 11.49 16.49 15.50
C THR C 12 11.26 15.02 15.15
N GLU C 13 11.14 14.71 13.85
CA GLU C 13 10.87 13.32 13.45
C GLU C 13 12.09 12.80 12.68
N VAL C 14 12.49 11.61 12.96
CA VAL C 14 13.66 10.99 12.22
C VAL C 14 13.14 9.68 11.62
N ASN C 15 13.29 9.57 10.28
CA ASN C 15 12.79 8.34 9.57
C ASN C 15 14.00 7.58 9.05
N CYS C 16 14.26 6.47 9.72
CA CYS C 16 15.34 5.57 9.30
C CYS C 16 14.73 4.24 8.93
N ALA C 17 13.45 4.19 8.55
CA ALA C 17 12.74 2.89 8.33
C ALA C 17 13.19 2.28 7.00
N GLY C 18 13.39 0.97 7.02
CA GLY C 18 13.50 0.24 5.70
C GLY C 18 14.80 0.52 5.00
N LYS C 19 15.86 0.77 5.76
CA LYS C 19 17.16 1.14 5.19
C LYS C 19 18.25 0.07 5.32
N SER C 20 17.89 -1.19 5.64
CA SER C 20 18.89 -2.27 5.70
C SER C 20 19.91 -2.01 6.80
N LEU C 21 19.50 -1.28 7.83
CA LEU C 21 20.45 -0.99 8.89
C LEU C 21 20.69 -2.18 9.83
N ALA C 22 21.90 -2.34 10.30
CA ALA C 22 22.25 -3.42 11.25
C ALA C 22 22.45 -2.86 12.63
N SER C 23 22.53 -1.53 12.68
CA SER C 23 22.61 -0.85 13.94
C SER C 23 21.94 0.52 13.81
N VAL C 24 21.72 1.14 14.96
CA VAL C 24 21.19 2.45 15.01
C VAL C 24 22.25 3.46 14.56
N PRO C 25 21.97 4.29 13.52
CA PRO C 25 22.99 5.23 13.03
C PRO C 25 23.30 6.31 14.03
N ALA C 26 24.55 6.75 13.99
CA ALA C 26 24.95 7.88 14.78
C ALA C 26 24.37 9.20 14.26
N GLY C 27 24.28 10.16 15.19
CA GLY C 27 23.89 11.52 14.82
C GLY C 27 22.37 11.79 14.84
N ILE C 28 21.60 10.93 15.47
CA ILE C 28 20.16 11.22 15.62
C ILE C 28 20.13 12.41 16.60
N PRO C 29 19.40 13.49 16.25
CA PRO C 29 19.48 14.71 17.07
C PRO C 29 18.89 14.51 18.45
N THR C 30 19.42 15.22 19.41
CA THR C 30 18.90 15.14 20.78
C THR C 30 17.43 15.64 20.91
N THR C 31 17.02 16.49 19.99
CA THR C 31 15.64 17.07 20.04
C THR C 31 14.58 16.12 19.46
N THR C 32 15.02 14.93 18.99
CA THR C 32 14.07 14.00 18.28
C THR C 32 12.95 13.51 19.19
N ARG C 33 11.72 13.54 18.70
CA ARG C 33 10.56 13.10 19.45
C ARG C 33 9.99 11.87 18.83
N VAL C 34 10.14 11.67 17.53
CA VAL C 34 9.49 10.48 16.91
C VAL C 34 10.58 9.78 16.08
N LEU C 35 10.88 8.53 16.37
CA LEU C 35 11.99 7.90 15.73
C LEU C 35 11.49 6.61 15.05
N TYR C 36 11.65 6.51 13.73
CA TYR C 36 11.26 5.28 13.06
C TYR C 36 12.50 4.46 12.76
N LEU C 37 12.66 3.30 13.40
CA LEU C 37 13.76 2.41 13.09
C LEU C 37 13.16 1.07 12.65
N ASN C 38 11.90 1.04 12.33
CA ASN C 38 11.24 -0.25 11.98
C ASN C 38 11.78 -0.81 10.65
N SER C 39 11.53 -2.13 10.45
CA SER C 39 11.68 -2.68 9.07
C SER C 39 13.11 -2.61 8.58
N ASN C 40 14.07 -2.79 9.49
CA ASN C 40 15.50 -2.83 9.20
C ASN C 40 16.01 -4.26 9.47
N GLN C 41 17.32 -4.41 9.69
CA GLN C 41 17.97 -5.70 9.94
C GLN C 41 18.73 -5.71 11.26
N ILE C 42 18.14 -5.03 12.26
CA ILE C 42 18.76 -4.94 13.58
C ILE C 42 18.46 -6.17 14.41
N THR C 43 19.55 -6.85 14.80
CA THR C 43 19.40 -8.03 15.65
C THR C 43 19.79 -7.75 17.06
N LYS C 44 20.57 -6.72 17.32
CA LYS C 44 20.90 -6.35 18.73
C LYS C 44 21.08 -4.87 18.78
N LEU C 45 20.82 -4.25 19.95
CA LEU C 45 21.07 -2.85 20.15
C LEU C 45 22.28 -2.65 21.06
N GLU C 46 23.08 -1.61 20.80
CA GLU C 46 24.27 -1.25 21.61
C GLU C 46 23.79 -0.71 22.98
N PRO C 47 24.40 -1.19 24.09
CA PRO C 47 24.05 -0.52 25.32
C PRO C 47 24.15 1.01 25.22
N GLY C 48 23.14 1.69 25.78
CA GLY C 48 23.19 3.14 25.76
C GLY C 48 22.76 3.81 24.47
N VAL C 49 22.34 3.03 23.49
CA VAL C 49 22.10 3.61 22.18
C VAL C 49 21.08 4.75 22.25
N PHE C 50 20.12 4.67 23.20
CA PHE C 50 19.05 5.69 23.24
C PHE C 50 19.27 6.70 24.35
N ASP C 51 20.39 6.61 25.05
CA ASP C 51 20.55 7.45 26.32
C ASP C 51 20.51 8.92 26.04
N ARG C 52 21.01 9.32 24.88
CA ARG C 52 20.96 10.76 24.52
C ARG C 52 19.59 11.29 24.05
N LEU C 53 18.64 10.36 23.81
CA LEU C 53 17.41 10.65 23.07
C LEU C 53 16.27 10.80 24.09
N ALA C 54 16.55 11.59 25.11
CA ALA C 54 15.58 11.64 26.20
C ALA C 54 14.26 12.33 25.82
N ASN C 55 14.16 12.93 24.63
CA ASN C 55 12.96 13.67 24.25
C ASN C 55 12.01 12.72 23.43
N LEU C 56 12.35 11.47 23.23
CA LEU C 56 11.46 10.64 22.46
C LEU C 56 10.11 10.48 23.07
N ARG C 57 9.09 10.59 22.21
CA ARG C 57 7.70 10.31 22.56
C ARG C 57 7.27 9.00 21.91
N GLU C 58 7.86 8.75 20.75
CA GLU C 58 7.43 7.51 20.00
C GLU C 58 8.63 6.83 19.46
N LEU C 59 8.71 5.51 19.66
CA LEU C 59 9.93 4.76 19.26
C LEU C 59 9.43 3.48 18.52
N HIS C 60 9.71 3.46 17.22
CA HIS C 60 9.20 2.36 16.37
C HIS C 60 10.38 1.42 16.13
N LEU C 61 10.32 0.20 16.68
CA LEU C 61 11.37 -0.77 16.50
C LEU C 61 10.82 -2.02 15.87
N TRP C 62 9.58 -1.97 15.42
CA TRP C 62 8.89 -3.19 14.97
C TRP C 62 9.53 -3.68 13.66
N GLY C 63 9.31 -4.98 13.39
CA GLY C 63 9.84 -5.54 12.11
C GLY C 63 11.37 -5.66 11.98
N ASN C 64 12.12 -5.64 13.07
CA ASN C 64 13.50 -6.00 13.04
C ASN C 64 13.70 -7.49 13.39
N GLN C 65 14.91 -7.90 13.77
CA GLN C 65 15.17 -9.29 14.16
C GLN C 65 15.84 -9.34 15.53
N LEU C 66 15.42 -8.46 16.43
CA LEU C 66 16.04 -8.46 17.76
C LEU C 66 15.80 -9.75 18.50
N VAL C 67 16.90 -10.34 19.00
CA VAL C 67 16.86 -11.60 19.76
C VAL C 67 16.86 -11.34 21.28
N SER C 68 17.28 -10.16 21.71
CA SER C 68 17.20 -9.79 23.14
C SER C 68 17.28 -8.28 23.25
N LEU C 69 16.99 -7.76 24.45
CA LEU C 69 17.14 -6.31 24.70
C LEU C 69 17.97 -6.04 25.94
N PRO C 70 18.85 -5.04 25.87
CA PRO C 70 19.61 -4.71 27.09
C PRO C 70 18.65 -4.15 28.17
N PRO C 71 18.78 -4.58 29.43
CA PRO C 71 17.83 -4.20 30.50
C PRO C 71 17.64 -2.71 30.71
N GLY C 72 18.64 -1.91 30.35
CA GLY C 72 18.48 -0.49 30.70
C GLY C 72 18.27 0.30 29.45
N VAL C 73 17.97 -0.37 28.34
CA VAL C 73 18.09 0.36 27.09
C VAL C 73 17.07 1.52 26.96
N PHE C 74 15.95 1.45 27.68
CA PHE C 74 14.93 2.48 27.64
C PHE C 74 14.97 3.41 28.86
N ASP C 75 15.99 3.28 29.70
CA ASP C 75 15.88 3.90 31.02
C ASP C 75 15.81 5.44 30.97
N ASN C 76 16.40 6.06 29.94
CA ASN C 76 16.39 7.56 29.88
C ASN C 76 15.17 8.11 29.16
N LEU C 77 14.27 7.23 28.80
CA LEU C 77 13.17 7.68 27.93
C LEU C 77 11.94 8.04 28.76
N ALA C 78 12.08 9.06 29.63
CA ALA C 78 10.99 9.34 30.56
C ALA C 78 9.76 9.94 29.94
N ASN C 79 9.91 10.51 28.73
CA ASN C 79 8.80 11.12 27.98
C ASN C 79 8.12 10.10 26.97
N LEU C 80 8.57 8.84 26.94
CA LEU C 80 8.08 7.90 25.88
C LEU C 80 6.56 7.56 26.16
N GLU C 81 5.75 7.72 25.13
CA GLU C 81 4.31 7.54 25.19
C GLU C 81 3.96 6.29 24.36
N LYS C 82 4.67 6.07 23.26
CA LYS C 82 4.44 4.83 22.44
C LYS C 82 5.71 4.02 22.12
N LEU C 83 5.66 2.70 22.36
CA LEU C 83 6.81 1.81 22.17
C LEU C 83 6.36 0.59 21.38
N TRP C 84 6.87 0.51 20.19
CA TRP C 84 6.43 -0.59 19.25
C TRP C 84 7.58 -1.56 19.04
N LEU C 85 7.44 -2.79 19.51
CA LEU C 85 8.45 -3.82 19.40
C LEU C 85 7.88 -4.99 18.61
N ASN C 86 6.71 -4.81 18.01
CA ASN C 86 6.01 -5.93 17.26
C ASN C 86 6.88 -6.59 16.23
N SER C 87 6.74 -7.93 16.11
CA SER C 87 7.44 -8.68 15.06
C SER C 87 8.94 -8.70 15.05
N ASN C 88 9.54 -8.72 16.23
CA ASN C 88 10.88 -9.03 16.42
C ASN C 88 10.98 -10.51 16.83
N GLN C 89 12.13 -10.93 17.31
CA GLN C 89 12.30 -12.36 17.61
C GLN C 89 12.53 -12.60 19.11
N LEU C 90 12.08 -11.69 19.96
CA LEU C 90 12.35 -11.88 21.38
C LEU C 90 11.68 -13.13 21.95
N THR C 91 12.33 -13.83 22.87
CA THR C 91 11.73 -14.99 23.55
C THR C 91 11.44 -14.69 25.04
N SER C 92 12.09 -13.66 25.58
CA SER C 92 11.89 -13.24 26.98
C SER C 92 12.20 -11.74 27.03
N LEU C 93 11.92 -11.14 28.17
CA LEU C 93 12.24 -9.72 28.42
C LEU C 93 13.00 -9.68 29.70
N PRO C 94 14.01 -8.81 29.80
CA PRO C 94 14.72 -8.74 31.07
C PRO C 94 13.89 -8.05 32.15
N ALA C 95 14.19 -8.39 33.40
CA ALA C 95 13.54 -7.79 34.57
C ALA C 95 13.80 -6.27 34.49
N GLY C 96 12.68 -5.55 34.68
CA GLY C 96 12.65 -4.06 34.81
C GLY C 96 12.82 -3.29 33.52
N LEU C 97 12.70 -3.95 32.37
CA LEU C 97 12.88 -3.29 31.11
C LEU C 97 12.06 -2.05 30.90
N PHE C 98 10.83 -2.07 31.43
CA PHE C 98 9.96 -0.92 31.21
C PHE C 98 9.82 0.01 32.40
N ASP C 99 10.60 -0.21 33.47
CA ASP C 99 10.35 0.43 34.74
C ASP C 99 10.42 1.98 34.70
N ARG C 100 11.22 2.54 33.81
CA ARG C 100 11.36 4.02 33.70
C ARG C 100 10.35 4.69 32.79
N LEU C 101 9.57 3.87 32.09
CA LEU C 101 8.62 4.39 31.11
C LEU C 101 7.30 4.77 31.74
N VAL C 102 7.33 5.68 32.72
CA VAL C 102 6.18 5.93 33.53
C VAL C 102 5.03 6.73 32.81
N ASN C 103 5.33 7.29 31.62
CA ASN C 103 4.34 8.03 30.80
C ASN C 103 3.82 7.20 29.59
N LEU C 104 4.31 5.94 29.54
CA LEU C 104 3.96 5.12 28.36
C LEU C 104 2.49 4.84 28.31
N GLU C 105 1.90 5.03 27.12
CA GLU C 105 0.45 4.80 26.91
C GLU C 105 0.15 3.62 25.97
N HIS C 106 1.07 3.32 25.09
CA HIS C 106 0.87 2.18 24.09
C HIS C 106 2.10 1.32 24.09
N LEU C 107 1.93 -0.01 24.24
CA LEU C 107 3.06 -0.91 24.27
C LEU C 107 2.76 -2.14 23.38
N GLY C 108 3.54 -2.26 22.30
CA GLY C 108 3.31 -3.31 21.25
C GLY C 108 4.33 -4.39 21.40
N LEU C 109 3.87 -5.59 21.78
CA LEU C 109 4.77 -6.76 22.01
C LEU C 109 4.29 -7.97 21.18
N CYS C 110 3.47 -7.70 20.21
CA CYS C 110 2.84 -8.87 19.50
C CYS C 110 3.76 -9.45 18.47
N CYS C 111 3.43 -10.66 18.05
CA CYS C 111 4.08 -11.24 16.89
C CYS C 111 5.55 -11.56 17.09
N MET C 112 5.93 -11.96 18.29
CA MET C 112 7.30 -12.36 18.57
C MET C 112 7.30 -13.85 18.94
N LYS C 113 8.19 -14.23 19.81
CA LYS C 113 8.24 -15.61 20.25
C LYS C 113 8.23 -15.71 21.77
N LEU C 114 7.64 -14.70 22.47
CA LEU C 114 7.69 -14.63 23.95
C LEU C 114 7.18 -15.93 24.59
N THR C 115 7.98 -16.57 25.43
CA THR C 115 7.45 -17.83 26.04
C THR C 115 7.02 -17.58 27.49
N GLU C 116 7.41 -16.41 28.02
CA GLU C 116 6.86 -15.96 29.32
C GLU C 116 7.13 -14.48 29.52
N LEU C 117 6.45 -13.87 30.49
CA LEU C 117 6.70 -12.48 30.84
C LEU C 117 7.25 -12.45 32.23
N PRO C 118 8.25 -11.60 32.48
CA PRO C 118 8.64 -11.43 33.90
C PRO C 118 7.48 -10.93 34.79
N SER C 119 7.36 -11.45 36.03
CA SER C 119 6.38 -10.93 36.98
C SER C 119 6.89 -9.48 37.24
N GLY C 120 6.00 -8.57 37.46
CA GLY C 120 6.54 -7.23 37.63
C GLY C 120 6.83 -6.45 36.35
N ALA C 121 6.82 -7.10 35.18
CA ALA C 121 7.06 -6.42 33.91
C ALA C 121 6.33 -5.07 33.73
N PHE C 122 5.09 -5.00 34.18
CA PHE C 122 4.27 -3.87 33.81
C PHE C 122 3.95 -3.04 35.06
N ASP C 123 4.69 -3.28 36.13
CA ASP C 123 4.31 -2.76 37.49
C ASP C 123 4.40 -1.26 37.62
N LYS C 124 5.24 -0.64 36.81
CA LYS C 124 5.43 0.83 36.82
C LYS C 124 4.59 1.61 35.78
N LEU C 125 3.81 0.89 34.95
CA LEU C 125 3.16 1.52 33.82
C LEU C 125 1.74 2.08 34.10
N THR C 126 1.71 3.01 35.08
CA THR C 126 0.50 3.56 35.54
C THR C 126 -0.34 4.19 34.48
N ARG C 127 0.26 4.71 33.38
CA ARG C 127 -0.50 5.35 32.33
C ARG C 127 -0.81 4.48 31.11
N LEU C 128 -0.36 3.23 31.18
CA LEU C 128 -0.52 2.39 29.97
C LEU C 128 -2.00 2.17 29.60
N LYS C 129 -2.37 2.48 28.34
CA LYS C 129 -3.78 2.32 27.87
C LYS C 129 -3.95 1.10 27.00
N GLN C 130 -2.93 0.80 26.20
CA GLN C 130 -3.09 -0.30 25.24
C GLN C 130 -1.86 -1.21 25.29
N LEU C 131 -2.08 -2.54 25.37
CA LEU C 131 -1.03 -3.49 25.59
C LEU C 131 -1.27 -4.73 24.66
N GLY C 132 -0.36 -4.90 23.72
CA GLY C 132 -0.53 -5.97 22.68
C GLY C 132 0.38 -7.12 23.00
N LEU C 133 -0.23 -8.32 23.33
CA LEU C 133 0.55 -9.50 23.72
C LEU C 133 0.20 -10.70 22.80
N ASP C 134 -0.59 -10.40 21.80
CA ASP C 134 -1.11 -11.47 20.84
C ASP C 134 0.00 -12.05 20.01
N GLN C 135 -0.28 -13.25 19.50
CA GLN C 135 0.68 -13.87 18.53
C GLN C 135 2.10 -14.06 19.10
N ASN C 136 2.19 -14.67 20.28
CA ASN C 136 3.48 -15.09 20.84
C ASN C 136 3.46 -16.61 21.16
N GLN C 137 4.12 -16.98 22.23
CA GLN C 137 4.12 -18.39 22.68
C GLN C 137 3.77 -18.52 24.14
N LEU C 138 2.92 -17.60 24.59
CA LEU C 138 2.68 -17.49 26.05
C LEU C 138 1.73 -18.63 26.48
N LYS C 139 2.01 -19.22 27.66
CA LYS C 139 1.21 -20.29 28.21
C LYS C 139 0.44 -19.86 29.42
N SER C 140 0.91 -18.79 30.09
CA SER C 140 0.15 -18.19 31.22
C SER C 140 0.72 -16.82 31.48
N ILE C 141 0.12 -16.18 32.48
CA ILE C 141 0.57 -14.85 32.90
C ILE C 141 0.80 -14.96 34.41
N PRO C 142 1.97 -14.55 34.90
CA PRO C 142 2.32 -14.49 36.32
C PRO C 142 1.20 -13.85 37.13
N ASP C 143 0.93 -14.41 38.29
CA ASP C 143 -0.01 -13.87 39.22
C ASP C 143 0.26 -12.36 39.46
N GLY C 144 -0.81 -11.59 39.35
CA GLY C 144 -0.78 -10.14 39.60
C GLY C 144 -0.09 -9.33 38.50
N ALA C 145 0.27 -9.93 37.35
CA ALA C 145 0.94 -9.14 36.29
C ALA C 145 0.22 -7.84 35.84
N PHE C 146 -1.10 -7.83 35.87
CA PHE C 146 -1.84 -6.68 35.36
C PHE C 146 -2.40 -5.81 36.52
N ALA C 147 -2.07 -6.17 37.75
CA ALA C 147 -2.70 -5.52 38.91
C ALA C 147 -2.38 -4.04 39.03
N ARG C 148 -1.23 -3.63 38.48
CA ARG C 148 -0.85 -2.18 38.49
C ARG C 148 -0.95 -1.45 37.16
N LEU C 149 -1.93 -1.88 36.41
CA LEU C 149 -2.25 -1.25 35.13
C LEU C 149 -3.62 -0.62 35.20
N PRO C 150 -3.75 0.42 36.07
CA PRO C 150 -5.03 1.01 36.25
C PRO C 150 -5.57 1.80 35.08
N SER C 151 -4.72 2.16 34.07
CA SER C 151 -5.24 2.92 32.92
C SER C 151 -5.59 2.01 31.73
N LEU C 152 -5.40 0.71 31.89
CA LEU C 152 -5.50 -0.14 30.67
C LEU C 152 -6.95 -0.15 30.11
N THR C 153 -7.11 0.10 28.81
CA THR C 153 -8.43 0.09 28.23
C THR C 153 -8.52 -0.93 27.08
N HIS C 154 -7.35 -1.45 26.67
CA HIS C 154 -7.32 -2.31 25.46
C HIS C 154 -6.18 -3.29 25.67
N VAL C 155 -6.48 -4.62 25.58
CA VAL C 155 -5.43 -5.61 25.70
C VAL C 155 -5.70 -6.69 24.63
N TRP C 156 -4.62 -7.19 24.03
CA TRP C 156 -4.78 -8.29 23.03
C TRP C 156 -4.02 -9.46 23.64
N LEU C 157 -4.69 -10.66 23.68
CA LEU C 157 -4.10 -11.84 24.28
C LEU C 157 -4.26 -13.06 23.38
N HIS C 158 -4.90 -12.81 22.26
CA HIS C 158 -5.25 -13.92 21.36
C HIS C 158 -4.03 -14.51 20.68
N THR C 159 -4.26 -15.67 20.05
CA THR C 159 -3.19 -16.35 19.34
C THR C 159 -1.97 -16.65 20.18
N ASN C 160 -2.20 -17.14 21.40
CA ASN C 160 -1.12 -17.69 22.25
C ASN C 160 -1.60 -19.05 22.76
N PRO C 161 -0.67 -19.97 22.96
CA PRO C 161 -1.10 -21.32 23.38
C PRO C 161 -1.33 -21.39 24.89
N TRP C 162 -2.40 -20.75 25.38
CA TRP C 162 -2.71 -20.68 26.82
C TRP C 162 -2.89 -22.10 27.36
N ASP C 163 -2.08 -22.48 28.36
CA ASP C 163 -2.19 -23.82 29.01
C ASP C 163 -3.25 -23.83 30.10
N CYS C 164 -4.45 -24.29 29.78
CA CYS C 164 -5.59 -24.16 30.67
C CYS C 164 -5.79 -25.40 31.58
N GLN C 165 -4.84 -26.32 31.56
CA GLN C 165 -4.86 -27.54 32.41
C GLN C 165 -4.30 -27.22 33.77
N CYS C 166 -3.35 -26.30 33.72
CA CYS C 166 -2.46 -26.06 34.78
C CYS C 166 -3.04 -24.91 35.67
N THR C 167 -2.91 -25.04 37.00
CA THR C 167 -3.55 -24.07 37.90
C THR C 167 -3.00 -22.65 37.72
N ASP C 168 -1.75 -22.54 37.27
CA ASP C 168 -1.15 -21.25 36.85
C ASP C 168 -2.06 -20.43 35.90
N ILE C 169 -2.93 -21.05 35.09
CA ILE C 169 -3.87 -20.21 34.32
C ILE C 169 -4.86 -19.41 35.14
N LEU C 170 -5.10 -19.73 36.43
CA LEU C 170 -6.31 -19.17 37.06
C LEU C 170 -6.27 -17.64 37.30
N TYR C 171 -5.07 -17.11 37.50
CA TYR C 171 -4.90 -15.66 37.52
C TYR C 171 -5.43 -15.08 36.21
N LEU C 172 -4.90 -15.56 35.08
CA LEU C 172 -5.39 -15.00 33.81
C LEU C 172 -6.88 -15.25 33.56
N SER C 173 -7.38 -16.48 33.82
CA SER C 173 -8.81 -16.72 33.51
C SER C 173 -9.75 -15.81 34.35
N GLY C 174 -9.41 -15.62 35.63
CA GLY C 174 -10.22 -14.74 36.45
C GLY C 174 -10.10 -13.27 36.04
N TRP C 175 -8.88 -12.87 35.70
CA TRP C 175 -8.66 -11.51 35.14
C TRP C 175 -9.39 -11.28 33.85
N VAL C 176 -9.30 -12.21 32.89
CA VAL C 176 -10.09 -12.01 31.67
C VAL C 176 -11.60 -11.96 31.92
N ALA C 177 -12.08 -12.77 32.86
CA ALA C 177 -13.53 -12.78 33.18
C ALA C 177 -13.95 -11.43 33.75
N GLN C 178 -13.05 -10.85 34.53
CA GLN C 178 -13.33 -9.62 35.24
C GLN C 178 -13.15 -8.38 34.33
N HIS C 179 -12.23 -8.49 33.38
CA HIS C 179 -11.93 -7.37 32.50
C HIS C 179 -12.25 -7.75 31.06
N SER C 180 -13.24 -8.61 30.89
CA SER C 180 -13.64 -8.95 29.53
C SER C 180 -13.97 -7.76 28.56
N SER C 181 -14.42 -6.61 29.06
CA SER C 181 -14.81 -5.42 28.25
C SER C 181 -13.58 -4.81 27.50
N ILE C 182 -12.38 -5.13 27.97
CA ILE C 182 -11.15 -4.55 27.36
C ILE C 182 -10.33 -5.54 26.50
N VAL C 183 -10.80 -6.78 26.32
CA VAL C 183 -10.03 -7.85 25.67
C VAL C 183 -10.53 -7.93 24.23
N GLY C 184 -9.59 -7.86 23.29
CA GLY C 184 -9.98 -7.79 21.88
C GLY C 184 -8.93 -8.23 20.89
N GLU C 185 -9.20 -7.87 19.63
CA GLU C 185 -8.37 -8.33 18.50
C GLU C 185 -8.39 -7.29 17.44
N GLY C 186 -7.43 -7.33 16.51
CA GLY C 186 -7.45 -6.43 15.38
C GLY C 186 -6.68 -5.14 15.59
N TRP C 187 -6.55 -4.39 14.49
CA TRP C 187 -5.97 -3.04 14.54
C TRP C 187 -6.80 -2.16 13.65
N PRO C 188 -7.53 -1.17 14.21
CA PRO C 188 -7.59 -0.87 15.66
C PRO C 188 -8.35 -1.94 16.36
N TRP C 189 -8.34 -1.84 17.70
CA TRP C 189 -8.92 -2.88 18.54
C TRP C 189 -10.40 -3.02 18.27
N ARG C 190 -10.84 -4.29 18.20
CA ARG C 190 -12.25 -4.69 18.23
C ARG C 190 -12.47 -5.57 19.42
N HIS C 191 -13.62 -5.43 20.07
CA HIS C 191 -13.97 -6.24 21.25
C HIS C 191 -14.08 -7.74 20.91
N SER C 192 -13.40 -8.57 21.67
CA SER C 192 -13.40 -10.05 21.38
C SER C 192 -12.95 -10.77 22.61
N PRO C 193 -13.83 -10.87 23.62
CA PRO C 193 -13.47 -11.39 24.95
C PRO C 193 -13.17 -12.86 25.00
N ASP C 194 -13.70 -13.63 24.03
CA ASP C 194 -13.35 -15.03 23.95
C ASP C 194 -12.23 -15.34 23.04
N SER C 195 -11.54 -14.31 22.55
CA SER C 195 -10.36 -14.56 21.70
C SER C 195 -9.13 -15.12 22.40
N ALA C 196 -9.01 -15.03 23.74
CA ALA C 196 -7.99 -15.79 24.43
C ALA C 196 -8.54 -17.21 24.63
N LYS C 197 -7.78 -18.20 24.14
CA LYS C 197 -8.28 -19.57 23.97
C LYS C 197 -7.31 -20.59 24.56
N CYS C 198 -7.90 -21.70 25.13
CA CYS C 198 -7.15 -22.75 25.71
C CYS C 198 -6.54 -23.60 24.60
N SER C 199 -5.24 -23.93 24.71
CA SER C 199 -4.38 -24.70 23.78
C SER C 199 -4.94 -26.07 23.47
N GLY C 200 -5.39 -26.78 24.50
CA GLY C 200 -5.85 -28.16 24.25
C GLY C 200 -7.33 -28.35 23.91
N THR C 201 -8.16 -27.30 23.99
CA THR C 201 -9.63 -27.40 23.86
C THR C 201 -10.31 -26.37 22.96
N ASN C 202 -9.61 -25.28 22.67
CA ASN C 202 -10.15 -24.13 21.94
C ASN C 202 -11.37 -23.52 22.59
N THR C 203 -11.47 -23.68 23.89
CA THR C 203 -12.53 -23.09 24.68
C THR C 203 -11.97 -21.74 25.24
N PRO C 204 -12.84 -20.80 25.60
CA PRO C 204 -12.33 -19.49 26.11
C PRO C 204 -11.62 -19.60 27.46
N VAL C 205 -10.47 -18.95 27.57
CA VAL C 205 -9.72 -18.88 28.80
C VAL C 205 -10.61 -18.32 29.93
N ARG C 206 -11.53 -17.42 29.67
CA ARG C 206 -12.27 -16.82 30.81
C ARG C 206 -13.32 -17.76 31.38
N ALA C 207 -13.58 -18.87 30.66
CA ALA C 207 -14.60 -19.89 31.12
C ALA C 207 -13.95 -21.06 31.89
N VAL C 208 -12.64 -20.97 32.12
CA VAL C 208 -11.91 -21.98 32.89
C VAL C 208 -12.41 -21.98 34.37
N THR C 209 -12.77 -23.17 34.87
CA THR C 209 -13.08 -23.37 36.32
C THR C 209 -11.86 -23.95 37.08
N GLU C 210 -11.77 -23.67 38.38
CA GLU C 210 -10.73 -24.32 39.14
C GLU C 210 -10.83 -25.85 39.13
N ALA C 211 -12.04 -26.40 39.23
CA ALA C 211 -12.29 -27.86 39.11
C ALA C 211 -11.63 -28.48 37.88
N SER C 212 -11.60 -27.75 36.75
CA SER C 212 -10.98 -28.33 35.55
C SER C 212 -9.44 -28.30 35.58
N THR C 213 -8.81 -27.57 36.51
CA THR C 213 -7.34 -27.52 36.64
C THR C 213 -6.74 -28.44 37.74
N SER C 214 -5.40 -28.42 37.84
CA SER C 214 -4.55 -29.31 38.70
C SER C 214 -3.13 -28.76 38.77
N PRO C 215 -2.59 -28.57 39.99
CA PRO C 215 -1.25 -27.91 40.03
C PRO C 215 -0.12 -28.77 39.47
N SER C 216 -0.45 -29.97 39.01
CA SER C 216 0.51 -31.02 38.62
C SER C 216 1.20 -30.90 37.24
N LYS C 217 0.48 -30.28 36.29
CA LYS C 217 0.84 -30.25 34.83
C LYS C 217 1.90 -29.19 34.53
N CYS C 218 1.90 -28.20 35.41
CA CYS C 218 2.78 -27.04 35.35
C CYS C 218 4.26 -27.40 35.39
N ALA D 2 -16.82 1.61 -29.42
CA ALA D 2 -18.00 2.44 -29.05
C ALA D 2 -18.02 2.63 -27.52
N CYS D 3 -16.96 3.25 -27.03
CA CYS D 3 -16.70 3.36 -25.62
C CYS D 3 -17.90 3.89 -24.72
N PRO D 4 -18.14 3.26 -23.56
CA PRO D 4 -19.00 3.90 -22.56
C PRO D 4 -18.50 5.31 -22.28
N SER D 5 -19.41 6.27 -22.16
CA SER D 5 -18.98 7.64 -21.94
C SER D 5 -18.10 7.81 -20.71
N GLN D 6 -18.31 6.98 -19.66
CA GLN D 6 -17.53 7.11 -18.40
C GLN D 6 -16.11 6.51 -18.53
N CYS D 7 -15.87 5.75 -19.61
CA CYS D 7 -14.61 5.01 -19.72
C CYS D 7 -13.67 5.52 -20.81
N SER D 8 -12.44 5.02 -20.82
CA SER D 8 -11.55 5.24 -21.97
C SER D 8 -11.33 3.94 -22.61
N CYS D 9 -11.28 3.95 -23.94
CA CYS D 9 -11.09 2.71 -24.68
C CYS D 9 -10.14 3.01 -25.80
N SER D 10 -9.08 2.19 -25.90
CA SER D 10 -8.25 2.16 -27.09
C SER D 10 -7.79 0.72 -27.29
N GLY D 11 -7.63 0.30 -28.54
CA GLY D 11 -7.18 -1.07 -28.78
C GLY D 11 -8.24 -2.06 -28.20
N THR D 12 -7.72 -3.00 -27.41
CA THR D 12 -8.60 -3.97 -26.75
C THR D 12 -8.65 -3.77 -25.28
N GLU D 13 -8.30 -2.56 -24.81
CA GLU D 13 -8.38 -2.30 -23.39
C GLU D 13 -9.43 -1.26 -23.05
N VAL D 14 -10.19 -1.50 -21.94
CA VAL D 14 -11.29 -0.58 -21.60
C VAL D 14 -11.06 -0.26 -20.11
N ASN D 15 -10.95 1.02 -19.82
CA ASN D 15 -10.58 1.42 -18.48
C ASN D 15 -11.79 2.17 -17.88
N CYS D 16 -12.49 1.53 -16.96
CA CYS D 16 -13.59 2.21 -16.26
C CYS D 16 -13.21 2.31 -14.77
N ALA D 17 -11.92 2.35 -14.42
CA ALA D 17 -11.58 2.17 -12.95
C ALA D 17 -11.80 3.51 -12.25
N GLY D 18 -12.16 3.47 -10.97
CA GLY D 18 -12.10 4.73 -10.14
C GLY D 18 -13.05 5.81 -10.61
N LYS D 19 -14.17 5.44 -11.17
CA LYS D 19 -15.18 6.33 -11.73
C LYS D 19 -16.49 6.41 -10.89
N SER D 20 -16.45 5.99 -9.63
CA SER D 20 -17.64 6.02 -8.72
C SER D 20 -18.86 5.26 -9.30
N LEU D 21 -18.63 4.20 -10.09
CA LEU D 21 -19.79 3.56 -10.75
C LEU D 21 -20.54 2.64 -9.79
N ALA D 22 -21.88 2.57 -9.90
CA ALA D 22 -22.63 1.65 -9.04
C ALA D 22 -23.00 0.36 -9.74
N SER D 23 -22.77 0.35 -11.07
CA SER D 23 -23.01 -0.86 -11.86
C SER D 23 -22.08 -0.91 -13.10
N VAL D 24 -21.99 -2.09 -13.69
CA VAL D 24 -21.14 -2.26 -14.84
C VAL D 24 -21.81 -1.51 -15.97
N PRO D 25 -21.07 -0.59 -16.64
CA PRO D 25 -21.70 0.25 -17.69
C PRO D 25 -22.09 -0.56 -18.91
N ALA D 26 -23.16 -0.13 -19.56
CA ALA D 26 -23.43 -0.77 -20.88
C ALA D 26 -22.52 -0.23 -22.03
N GLY D 27 -22.35 -1.08 -23.04
CA GLY D 27 -21.63 -0.75 -24.26
C GLY D 27 -20.13 -1.00 -24.30
N ILE D 28 -19.66 -1.87 -23.43
CA ILE D 28 -18.25 -2.27 -23.42
C ILE D 28 -18.09 -3.10 -24.71
N PRO D 29 -17.07 -2.79 -25.52
CA PRO D 29 -16.94 -3.42 -26.83
C PRO D 29 -16.70 -4.93 -26.77
N THR D 30 -17.25 -5.67 -27.76
CA THR D 30 -17.09 -7.09 -27.74
C THR D 30 -15.61 -7.57 -27.98
N THR D 31 -14.84 -6.66 -28.56
CA THR D 31 -13.40 -6.97 -28.79
C THR D 31 -12.50 -6.79 -27.54
N THR D 32 -13.13 -6.35 -26.46
CA THR D 32 -12.34 -6.09 -25.21
C THR D 32 -11.60 -7.32 -24.66
N ARG D 33 -10.29 -7.15 -24.42
CA ARG D 33 -9.45 -8.18 -23.83
C ARG D 33 -9.06 -7.89 -22.43
N VAL D 34 -8.92 -6.62 -22.08
CA VAL D 34 -8.48 -6.22 -20.70
C VAL D 34 -9.52 -5.20 -20.24
N LEU D 35 -10.17 -5.47 -19.11
CA LEU D 35 -11.30 -4.68 -18.68
C LEU D 35 -11.02 -4.27 -17.19
N TYR D 36 -10.81 -2.98 -16.97
CA TYR D 36 -10.66 -2.48 -15.58
C TYR D 36 -11.95 -1.89 -15.04
N LEU D 37 -12.57 -2.58 -14.08
CA LEU D 37 -13.81 -2.09 -13.44
C LEU D 37 -13.46 -1.92 -11.95
N ASN D 38 -12.17 -1.95 -11.60
CA ASN D 38 -11.77 -1.84 -10.16
C ASN D 38 -12.01 -0.51 -9.54
N SER D 39 -12.03 -0.48 -8.20
CA SER D 39 -12.01 0.77 -7.42
C SER D 39 -13.25 1.61 -7.72
N ASN D 40 -14.38 0.94 -7.87
CA ASN D 40 -15.66 1.61 -8.06
C ASN D 40 -16.56 1.33 -6.84
N GLN D 41 -17.87 1.55 -6.98
CA GLN D 41 -18.83 1.11 -5.91
C GLN D 41 -19.83 0.15 -6.41
N ILE D 42 -19.40 -0.81 -7.21
CA ILE D 42 -20.35 -1.72 -7.80
C ILE D 42 -20.83 -2.76 -6.78
N THR D 43 -22.16 -2.87 -6.70
CA THR D 43 -22.73 -3.61 -5.56
C THR D 43 -23.24 -4.97 -5.95
N LYS D 44 -23.38 -5.24 -7.25
CA LYS D 44 -23.73 -6.55 -7.71
C LYS D 44 -23.37 -6.69 -9.19
N LEU D 45 -23.33 -7.92 -9.71
CA LEU D 45 -23.16 -8.16 -11.15
C LEU D 45 -24.45 -8.84 -11.59
N GLU D 46 -25.07 -8.32 -12.64
CA GLU D 46 -26.23 -9.03 -13.25
C GLU D 46 -25.81 -10.36 -13.85
N PRO D 47 -26.66 -11.42 -13.71
CA PRO D 47 -26.22 -12.62 -14.43
C PRO D 47 -26.27 -12.18 -15.91
N GLY D 48 -25.37 -12.70 -16.69
CA GLY D 48 -25.35 -12.19 -18.11
C GLY D 48 -24.47 -10.97 -18.45
N VAL D 49 -23.96 -10.24 -17.47
CA VAL D 49 -23.30 -8.99 -17.74
C VAL D 49 -22.02 -9.18 -18.62
N PHE D 50 -21.42 -10.37 -18.56
CA PHE D 50 -20.19 -10.68 -19.30
C PHE D 50 -20.42 -11.66 -20.42
N ASP D 51 -21.68 -11.97 -20.75
CA ASP D 51 -21.98 -13.04 -21.71
C ASP D 51 -21.49 -12.70 -23.13
N ARG D 52 -21.32 -11.41 -23.37
CA ARG D 52 -21.00 -10.84 -24.64
C ARG D 52 -19.46 -10.53 -24.73
N LEU D 53 -18.79 -10.64 -23.60
CA LEU D 53 -17.34 -10.25 -23.50
C LEU D 53 -16.45 -11.48 -23.55
N ALA D 54 -16.67 -12.31 -24.56
CA ALA D 54 -15.96 -13.57 -24.60
C ALA D 54 -14.46 -13.47 -24.86
N ASN D 55 -13.99 -12.29 -25.29
CA ASN D 55 -12.64 -12.17 -25.70
C ASN D 55 -11.84 -11.70 -24.48
N LEU D 56 -12.47 -11.55 -23.31
CA LEU D 56 -11.62 -11.14 -22.13
C LEU D 56 -10.49 -12.10 -21.77
N ARG D 57 -9.29 -11.52 -21.52
CA ARG D 57 -8.12 -12.23 -20.97
C ARG D 57 -7.88 -11.74 -19.53
N GLU D 58 -8.19 -10.48 -19.22
CA GLU D 58 -7.90 -9.94 -17.83
C GLU D 58 -9.10 -9.18 -17.34
N LEU D 59 -9.61 -9.54 -16.16
CA LEU D 59 -10.80 -8.86 -15.69
C LEU D 59 -10.51 -8.36 -14.26
N HIS D 60 -10.55 -7.03 -14.10
CA HIS D 60 -10.22 -6.43 -12.79
C HIS D 60 -11.50 -6.01 -12.12
N LEU D 61 -11.91 -6.71 -11.08
CA LEU D 61 -13.14 -6.37 -10.35
C LEU D 61 -12.82 -5.98 -8.93
N TRP D 62 -11.54 -5.84 -8.62
CA TRP D 62 -11.14 -5.57 -7.21
C TRP D 62 -11.53 -4.20 -6.68
N GLY D 63 -11.77 -4.20 -5.37
CA GLY D 63 -12.06 -2.87 -4.72
C GLY D 63 -13.46 -2.44 -5.04
N ASN D 64 -14.40 -3.35 -5.12
CA ASN D 64 -15.78 -2.91 -5.29
C ASN D 64 -16.53 -3.30 -4.02
N GLN D 65 -17.83 -3.48 -4.15
CA GLN D 65 -18.66 -3.78 -2.97
C GLN D 65 -19.46 -5.02 -3.25
N LEU D 66 -18.95 -5.93 -4.03
CA LEU D 66 -19.71 -7.15 -4.33
C LEU D 66 -19.86 -8.00 -3.10
N VAL D 67 -21.09 -8.49 -2.90
CA VAL D 67 -21.35 -9.33 -1.74
C VAL D 67 -21.66 -10.81 -2.12
N SER D 68 -22.08 -11.06 -3.38
CA SER D 68 -22.08 -12.43 -3.90
C SER D 68 -21.88 -12.37 -5.44
N LEU D 69 -21.73 -13.55 -6.07
CA LEU D 69 -21.62 -13.58 -7.52
C LEU D 69 -22.68 -14.56 -8.03
N PRO D 70 -23.31 -14.27 -9.18
CA PRO D 70 -24.24 -15.24 -9.83
C PRO D 70 -23.44 -16.44 -10.33
N PRO D 71 -24.02 -17.64 -10.24
CA PRO D 71 -23.25 -18.87 -10.46
C PRO D 71 -22.59 -19.04 -11.87
N GLY D 72 -23.18 -18.42 -12.87
CA GLY D 72 -22.75 -18.60 -14.24
C GLY D 72 -22.12 -17.35 -14.83
N VAL D 73 -21.74 -16.39 -13.97
CA VAL D 73 -21.38 -15.08 -14.45
C VAL D 73 -20.12 -15.12 -15.31
N PHE D 74 -19.23 -16.08 -15.09
CA PHE D 74 -18.02 -16.13 -15.86
C PHE D 74 -18.07 -17.21 -16.94
N ASP D 75 -19.22 -17.85 -17.14
CA ASP D 75 -19.20 -19.08 -17.98
C ASP D 75 -18.74 -18.89 -19.42
N ASN D 76 -18.90 -17.68 -19.95
CA ASN D 76 -18.54 -17.40 -21.38
C ASN D 76 -17.10 -16.89 -21.55
N LEU D 77 -16.37 -16.81 -20.45
CA LEU D 77 -15.03 -16.24 -20.55
C LEU D 77 -13.95 -17.28 -20.71
N ALA D 78 -14.00 -17.99 -21.84
CA ALA D 78 -13.12 -19.16 -21.90
C ALA D 78 -11.68 -18.74 -22.17
N ASN D 79 -11.47 -17.50 -22.57
CA ASN D 79 -10.12 -16.95 -22.83
C ASN D 79 -9.48 -16.29 -21.58
N LEU D 80 -10.23 -16.33 -20.48
CA LEU D 80 -9.74 -15.52 -19.28
C LEU D 80 -8.48 -16.16 -18.72
N GLU D 81 -7.47 -15.30 -18.47
CA GLU D 81 -6.18 -15.68 -17.95
C GLU D 81 -5.97 -15.09 -16.54
N LYS D 82 -6.51 -13.91 -16.31
CA LYS D 82 -6.32 -13.30 -14.93
C LYS D 82 -7.65 -12.77 -14.46
N LEU D 83 -7.99 -13.09 -13.20
CA LEU D 83 -9.23 -12.65 -12.60
C LEU D 83 -8.98 -12.12 -11.21
N TRP D 84 -9.24 -10.82 -11.06
CA TRP D 84 -8.96 -10.16 -9.75
C TRP D 84 -10.20 -9.75 -9.04
N LEU D 85 -10.51 -10.38 -7.92
CA LEU D 85 -11.74 -10.09 -7.17
C LEU D 85 -11.37 -9.57 -5.80
N ASN D 86 -10.10 -9.23 -5.59
CA ASN D 86 -9.62 -8.84 -4.23
C ASN D 86 -10.42 -7.63 -3.69
N SER D 87 -10.61 -7.62 -2.37
CA SER D 87 -11.14 -6.43 -1.69
C SER D 87 -12.55 -6.15 -2.03
N ASN D 88 -13.30 -7.18 -2.39
CA ASN D 88 -14.75 -7.07 -2.29
C ASN D 88 -15.24 -7.55 -0.96
N GLN D 89 -16.55 -7.85 -0.82
CA GLN D 89 -17.14 -8.29 0.46
C GLN D 89 -17.75 -9.65 0.43
N LEU D 90 -17.30 -10.48 -0.52
CA LEU D 90 -17.75 -11.84 -0.62
C LEU D 90 -17.51 -12.67 0.62
N THR D 91 -18.53 -13.49 1.03
CA THR D 91 -18.37 -14.51 2.10
C THR D 91 -18.31 -15.93 1.56
N SER D 92 -18.75 -16.14 0.33
CA SER D 92 -18.76 -17.50 -0.24
C SER D 92 -18.70 -17.32 -1.75
N LEU D 93 -18.53 -18.45 -2.40
CA LEU D 93 -18.50 -18.49 -3.83
C LEU D 93 -19.49 -19.59 -4.22
N PRO D 94 -20.32 -19.34 -5.22
CA PRO D 94 -21.23 -20.40 -5.68
C PRO D 94 -20.48 -21.59 -6.30
N ALA D 95 -20.95 -22.82 -6.07
CA ALA D 95 -20.48 -23.97 -6.84
C ALA D 95 -20.44 -23.68 -8.33
N GLY D 96 -19.38 -24.21 -8.98
CA GLY D 96 -19.20 -24.09 -10.44
C GLY D 96 -18.75 -22.70 -10.95
N LEU D 97 -18.51 -21.72 -10.04
CA LEU D 97 -18.23 -20.35 -10.49
C LEU D 97 -17.07 -20.29 -11.48
N PHE D 98 -16.05 -21.13 -11.26
CA PHE D 98 -14.83 -21.03 -12.06
C PHE D 98 -14.71 -22.14 -13.05
N ASP D 99 -15.75 -22.99 -13.18
CA ASP D 99 -15.60 -24.16 -13.96
C ASP D 99 -15.25 -24.03 -15.46
N ARG D 100 -15.64 -22.91 -16.08
CA ARG D 100 -15.41 -22.72 -17.54
C ARG D 100 -14.09 -21.99 -17.81
N LEU D 101 -13.48 -21.49 -16.72
CA LEU D 101 -12.26 -20.73 -16.86
C LEU D 101 -11.02 -21.66 -17.01
N VAL D 102 -10.99 -22.53 -18.01
CA VAL D 102 -9.96 -23.51 -18.07
C VAL D 102 -8.55 -23.00 -18.47
N ASN D 103 -8.46 -21.74 -18.86
CA ASN D 103 -7.17 -21.15 -19.24
C ASN D 103 -6.70 -20.16 -18.15
N LEU D 104 -7.44 -20.11 -17.04
CA LEU D 104 -7.07 -19.10 -15.96
C LEU D 104 -5.75 -19.42 -15.32
N GLU D 105 -4.86 -18.40 -15.22
CA GLU D 105 -3.53 -18.62 -14.67
C GLU D 105 -3.36 -17.85 -13.34
N HIS D 106 -4.12 -16.79 -13.16
CA HIS D 106 -3.98 -16.00 -11.87
C HIS D 106 -5.40 -15.75 -11.35
N LEU D 107 -5.59 -16.04 -10.04
CA LEU D 107 -6.90 -15.83 -9.40
C LEU D 107 -6.65 -15.13 -8.08
N GLY D 108 -7.17 -13.90 -7.98
CA GLY D 108 -6.99 -13.06 -6.71
C GLY D 108 -8.31 -13.05 -5.97
N LEU D 109 -8.28 -13.66 -4.81
CA LEU D 109 -9.46 -13.75 -3.93
C LEU D 109 -9.15 -13.10 -2.55
N CYS D 110 -8.11 -12.29 -2.46
CA CYS D 110 -7.71 -11.88 -1.09
C CYS D 110 -8.58 -10.76 -0.53
N CYS D 111 -8.48 -10.52 0.79
CA CYS D 111 -8.90 -9.24 1.39
C CYS D 111 -10.45 -9.13 1.31
N MET D 112 -11.13 -10.27 1.45
CA MET D 112 -12.65 -10.31 1.49
C MET D 112 -13.06 -10.85 2.85
N LYS D 113 -14.18 -11.56 2.87
CA LYS D 113 -14.73 -12.14 4.11
C LYS D 113 -15.05 -13.60 3.86
N LEU D 114 -14.32 -14.24 2.93
CA LEU D 114 -14.59 -15.61 2.63
C LEU D 114 -14.57 -16.49 3.84
N THR D 115 -15.64 -17.26 4.07
CA THR D 115 -15.62 -18.11 5.28
C THR D 115 -15.58 -19.57 4.94
N GLU D 116 -15.96 -19.87 3.70
CA GLU D 116 -15.76 -21.20 3.23
C GLU D 116 -15.56 -21.17 1.71
N LEU D 117 -15.04 -22.25 1.20
CA LEU D 117 -15.00 -22.43 -0.23
C LEU D 117 -15.83 -23.68 -0.50
N PRO D 118 -16.55 -23.70 -1.61
CA PRO D 118 -17.30 -24.89 -1.95
C PRO D 118 -16.39 -26.06 -2.41
N SER D 119 -16.72 -27.32 -2.11
CA SER D 119 -15.83 -28.41 -2.56
C SER D 119 -15.81 -28.29 -4.13
N GLY D 120 -14.68 -28.64 -4.70
CA GLY D 120 -14.53 -28.62 -6.16
C GLY D 120 -14.37 -27.23 -6.76
N ALA D 121 -14.32 -26.15 -5.93
CA ALA D 121 -14.24 -24.77 -6.47
C ALA D 121 -13.16 -24.65 -7.61
N PHE D 122 -12.02 -25.34 -7.46
CA PHE D 122 -10.87 -25.05 -8.35
C PHE D 122 -10.56 -26.26 -9.27
N ASP D 123 -11.44 -27.26 -9.29
CA ASP D 123 -11.17 -28.52 -9.92
C ASP D 123 -10.89 -28.43 -11.46
N LYS D 124 -11.48 -27.44 -12.13
CA LYS D 124 -11.28 -27.27 -13.55
C LYS D 124 -10.05 -26.44 -13.93
N LEU D 125 -9.40 -25.86 -12.93
CA LEU D 125 -8.39 -24.82 -13.22
C LEU D 125 -6.98 -25.38 -13.45
N THR D 126 -6.84 -26.18 -14.55
CA THR D 126 -5.65 -26.95 -14.74
C THR D 126 -4.40 -26.10 -14.99
N ARG D 127 -4.63 -24.87 -15.44
CA ARG D 127 -3.55 -23.94 -15.81
C ARG D 127 -3.29 -22.99 -14.69
N LEU D 128 -4.04 -23.08 -13.56
CA LEU D 128 -3.84 -21.99 -12.53
C LEU D 128 -2.48 -22.03 -11.92
N LYS D 129 -1.77 -20.88 -11.93
CA LYS D 129 -0.42 -20.75 -11.36
C LYS D 129 -0.39 -20.02 -10.07
N GLN D 130 -1.22 -19.01 -9.91
CA GLN D 130 -1.13 -18.14 -8.69
C GLN D 130 -2.57 -18.05 -8.09
N LEU D 131 -2.69 -18.31 -6.80
CA LEU D 131 -4.04 -18.29 -6.12
C LEU D 131 -3.85 -17.50 -4.83
N GLY D 132 -4.58 -16.41 -4.71
CA GLY D 132 -4.44 -15.60 -3.43
C GLY D 132 -5.74 -15.78 -2.60
N LEU D 133 -5.54 -16.33 -1.43
CA LEU D 133 -6.66 -16.58 -0.46
C LEU D 133 -6.40 -15.92 0.86
N ASP D 134 -5.42 -15.06 0.90
CA ASP D 134 -5.06 -14.40 2.19
C ASP D 134 -6.06 -13.36 2.63
N GLN D 135 -6.03 -13.06 3.94
CA GLN D 135 -6.78 -11.99 4.54
C GLN D 135 -8.27 -12.22 4.23
N ASN D 136 -8.75 -13.37 4.64
CA ASN D 136 -10.19 -13.69 4.55
C ASN D 136 -10.58 -14.21 5.91
N GLN D 137 -11.65 -14.99 6.01
CA GLN D 137 -12.11 -15.57 7.26
C GLN D 137 -12.19 -17.04 7.15
N LEU D 138 -11.22 -17.65 6.42
CA LEU D 138 -11.31 -19.08 6.29
C LEU D 138 -10.81 -19.81 7.54
N LYS D 139 -11.53 -20.85 7.99
CA LYS D 139 -11.06 -21.72 9.06
C LYS D 139 -10.47 -23.03 8.62
N SER D 140 -10.77 -23.48 7.37
CA SER D 140 -10.16 -24.71 6.83
C SER D 140 -10.38 -24.56 5.29
N ILE D 141 -9.75 -25.52 4.61
CA ILE D 141 -9.93 -25.79 3.19
C ILE D 141 -10.58 -27.16 3.02
N PRO D 142 -11.58 -27.22 2.17
CA PRO D 142 -12.27 -28.53 1.99
C PRO D 142 -11.32 -29.62 1.43
N ASP D 143 -11.53 -30.87 1.86
CA ASP D 143 -10.60 -31.91 1.47
C ASP D 143 -10.51 -31.98 -0.06
N GLY D 144 -9.28 -32.17 -0.50
CA GLY D 144 -8.87 -32.26 -1.92
C GLY D 144 -9.10 -30.93 -2.72
N ALA D 145 -9.33 -29.76 -2.05
CA ALA D 145 -9.61 -28.51 -2.82
C ALA D 145 -8.46 -28.16 -3.81
N PHE D 146 -7.24 -28.60 -3.54
CA PHE D 146 -6.09 -28.22 -4.43
C PHE D 146 -5.60 -29.37 -5.27
N ALA D 147 -6.30 -30.53 -5.21
CA ALA D 147 -5.77 -31.78 -5.76
C ALA D 147 -5.72 -31.66 -7.30
N ARG D 148 -6.56 -30.82 -7.90
CA ARG D 148 -6.52 -30.70 -9.40
C ARG D 148 -5.91 -29.39 -9.90
N LEU D 149 -4.88 -28.94 -9.16
CA LEU D 149 -4.20 -27.65 -9.50
C LEU D 149 -2.78 -27.97 -9.79
N PRO D 150 -2.52 -28.77 -10.86
CA PRO D 150 -1.22 -29.25 -11.13
C PRO D 150 -0.24 -28.16 -11.54
N SER D 151 -0.74 -26.97 -11.91
CA SER D 151 0.17 -25.87 -12.40
C SER D 151 0.46 -24.89 -11.29
N LEU D 152 -0.07 -25.15 -10.09
CA LEU D 152 0.03 -24.05 -9.06
C LEU D 152 1.48 -23.89 -8.61
N THR D 153 1.98 -22.64 -8.57
CA THR D 153 3.35 -22.43 -8.13
C THR D 153 3.39 -21.40 -7.01
N HIS D 154 2.29 -20.70 -6.82
CA HIS D 154 2.31 -19.60 -5.79
C HIS D 154 0.91 -19.56 -5.15
N VAL D 155 0.90 -19.64 -3.82
CA VAL D 155 -0.39 -19.58 -3.07
C VAL D 155 -0.17 -18.63 -1.87
N TRP D 156 -1.19 -17.87 -1.54
CA TRP D 156 -1.15 -17.01 -0.31
C TRP D 156 -2.27 -17.58 0.57
N LEU D 157 -1.92 -17.82 1.85
CA LEU D 157 -2.89 -18.38 2.78
C LEU D 157 -2.90 -17.63 4.09
N HIS D 158 -2.02 -16.64 4.20
CA HIS D 158 -1.91 -16.01 5.54
C HIS D 158 -3.03 -15.11 5.88
N THR D 159 -3.05 -14.70 7.17
CA THR D 159 -4.10 -13.81 7.61
C THR D 159 -5.48 -14.41 7.42
N ASN D 160 -5.62 -15.68 7.76
CA ASN D 160 -6.91 -16.32 7.95
C ASN D 160 -6.92 -16.92 9.34
N PRO D 161 -8.10 -17.01 9.97
CA PRO D 161 -8.30 -17.59 11.32
C PRO D 161 -8.41 -19.11 11.27
N TRP D 162 -7.34 -19.73 10.77
CA TRP D 162 -7.25 -21.21 10.58
C TRP D 162 -7.50 -21.90 11.92
N ASP D 163 -8.43 -22.86 11.90
CA ASP D 163 -8.84 -23.53 13.16
C ASP D 163 -8.17 -24.86 13.21
N CYS D 164 -7.11 -24.92 13.97
CA CYS D 164 -6.25 -26.09 13.91
C CYS D 164 -6.68 -27.08 14.98
N GLN D 165 -7.77 -26.76 15.70
CA GLN D 165 -8.23 -27.67 16.75
C GLN D 165 -9.17 -28.74 16.09
N CYS D 166 -9.77 -28.37 14.97
CA CYS D 166 -10.75 -29.21 14.30
C CYS D 166 -10.08 -30.16 13.31
N THR D 167 -10.56 -31.40 13.13
CA THR D 167 -9.85 -32.40 12.34
C THR D 167 -9.98 -31.94 10.84
N ASP D 168 -10.93 -31.04 10.58
CA ASP D 168 -11.05 -30.40 9.23
C ASP D 168 -9.80 -29.71 8.70
N ILE D 169 -8.92 -29.26 9.61
CA ILE D 169 -7.62 -28.66 9.17
C ILE D 169 -6.66 -29.63 8.49
N LEU D 170 -6.84 -30.95 8.67
CA LEU D 170 -5.73 -31.84 8.37
C LEU D 170 -5.39 -31.93 6.84
N TYR D 171 -6.38 -31.60 6.01
CA TYR D 171 -6.12 -31.61 4.53
C TYR D 171 -5.08 -30.48 4.29
N LEU D 172 -5.42 -29.31 4.83
CA LEU D 172 -4.55 -28.09 4.61
C LEU D 172 -3.22 -28.30 5.29
N SER D 173 -3.16 -28.84 6.55
CA SER D 173 -1.86 -29.04 7.19
C SER D 173 -0.97 -29.96 6.38
N GLY D 174 -1.53 -31.03 5.83
CA GLY D 174 -0.65 -31.98 5.19
C GLY D 174 -0.25 -31.40 3.82
N TRP D 175 -1.15 -30.64 3.26
CA TRP D 175 -0.94 -30.03 1.93
C TRP D 175 0.14 -28.98 2.03
N VAL D 176 0.13 -28.15 3.08
CA VAL D 176 1.12 -27.07 3.12
C VAL D 176 2.48 -27.67 3.45
N ALA D 177 2.47 -28.74 4.26
CA ALA D 177 3.70 -29.44 4.61
C ALA D 177 4.38 -30.00 3.35
N GLN D 178 3.56 -30.62 2.50
CA GLN D 178 4.00 -31.16 1.23
C GLN D 178 4.40 -30.06 0.23
N HIS D 179 3.63 -29.00 0.19
CA HIS D 179 3.82 -27.98 -0.88
C HIS D 179 4.37 -26.64 -0.31
N SER D 180 5.13 -26.75 0.75
CA SER D 180 5.65 -25.57 1.46
C SER D 180 6.42 -24.64 0.57
N SER D 181 7.05 -25.18 -0.46
CA SER D 181 7.84 -24.33 -1.39
C SER D 181 7.00 -23.25 -2.12
N ILE D 182 5.68 -23.41 -2.16
CA ILE D 182 4.86 -22.50 -2.97
C ILE D 182 3.99 -21.58 -2.11
N VAL D 183 4.16 -21.68 -0.78
CA VAL D 183 3.33 -20.84 0.16
C VAL D 183 4.09 -19.55 0.53
N GLY D 184 3.44 -18.42 0.33
CA GLY D 184 4.15 -17.17 0.62
C GLY D 184 3.25 -16.00 0.86
N GLU D 185 3.88 -14.81 0.79
CA GLU D 185 3.15 -13.60 1.09
C GLU D 185 3.74 -12.43 0.28
N GLY D 186 3.02 -11.31 0.29
CA GLY D 186 3.46 -10.12 -0.41
C GLY D 186 3.18 -10.05 -1.88
N TRP D 187 3.44 -8.87 -2.49
CA TRP D 187 3.23 -8.70 -3.90
C TRP D 187 4.44 -7.98 -4.46
N PRO D 188 5.22 -8.64 -5.34
CA PRO D 188 5.06 -10.03 -5.83
C PRO D 188 5.37 -11.05 -4.72
N TRP D 189 4.96 -12.30 -4.96
CA TRP D 189 5.17 -13.33 -3.95
C TRP D 189 6.57 -13.51 -3.43
N ARG D 190 6.69 -13.61 -2.09
CA ARG D 190 7.91 -14.08 -1.38
C ARG D 190 7.63 -15.34 -0.57
N HIS D 191 8.61 -16.21 -0.48
CA HIS D 191 8.44 -17.48 0.16
C HIS D 191 8.24 -17.33 1.70
N SER D 192 7.20 -17.95 2.23
CA SER D 192 6.83 -17.76 3.60
C SER D 192 5.91 -18.89 4.10
N PRO D 193 6.49 -20.08 4.27
CA PRO D 193 5.66 -21.28 4.45
C PRO D 193 5.05 -21.39 5.85
N ASP D 194 5.54 -20.54 6.78
CA ASP D 194 4.92 -20.65 8.15
C ASP D 194 3.97 -19.49 8.36
N SER D 195 3.71 -18.72 7.30
CA SER D 195 2.75 -17.63 7.39
C SER D 195 1.28 -18.03 7.51
N ALA D 196 0.92 -19.28 7.16
CA ALA D 196 -0.39 -19.81 7.54
C ALA D 196 -0.26 -20.29 8.97
N LYS D 197 -0.99 -19.66 9.86
CA LYS D 197 -0.88 -19.90 11.32
C LYS D 197 -2.21 -20.25 11.88
N CYS D 198 -2.15 -21.12 12.88
CA CYS D 198 -3.28 -21.51 13.72
C CYS D 198 -3.69 -20.33 14.58
N SER D 199 -4.95 -19.95 14.46
CA SER D 199 -5.48 -18.72 15.05
C SER D 199 -5.50 -18.84 16.57
N GLY D 200 -5.69 -20.06 17.05
CA GLY D 200 -5.76 -20.24 18.55
C GLY D 200 -4.38 -20.26 19.20
N THR D 201 -3.40 -20.94 18.60
CA THR D 201 -2.15 -21.33 19.30
C THR D 201 -0.91 -20.71 18.72
N ASN D 202 -1.06 -20.08 17.53
CA ASN D 202 0.08 -19.52 16.85
C ASN D 202 1.07 -20.56 16.32
N THR D 203 0.67 -21.84 16.24
CA THR D 203 1.47 -22.85 15.60
C THR D 203 1.31 -22.71 14.07
N PRO D 204 2.39 -22.95 13.30
CA PRO D 204 2.21 -22.98 11.79
C PRO D 204 1.26 -24.11 11.43
N VAL D 205 0.37 -23.81 10.51
CA VAL D 205 -0.59 -24.81 9.99
C VAL D 205 0.14 -26.09 9.55
N ARG D 206 1.24 -25.93 8.82
CA ARG D 206 2.01 -27.11 8.40
C ARG D 206 2.55 -28.00 9.51
N ALA D 207 2.55 -27.52 10.74
CA ALA D 207 3.17 -28.29 11.83
C ALA D 207 2.13 -29.06 12.64
N VAL D 208 0.87 -28.94 12.23
CA VAL D 208 -0.27 -29.56 12.96
C VAL D 208 -0.31 -31.04 12.68
N THR D 209 -0.56 -31.80 13.75
CA THR D 209 -0.58 -33.27 13.73
C THR D 209 -2.00 -33.85 14.03
N GLU D 210 -2.33 -35.01 13.49
CA GLU D 210 -3.63 -35.55 13.76
C GLU D 210 -3.90 -35.65 15.29
N ALA D 211 -2.88 -36.01 16.04
CA ALA D 211 -3.13 -36.30 17.47
C ALA D 211 -3.62 -35.12 18.28
N SER D 212 -3.29 -33.89 17.87
CA SER D 212 -3.77 -32.66 18.54
C SER D 212 -5.17 -32.17 18.16
N THR D 213 -5.79 -32.83 17.18
CA THR D 213 -7.08 -32.37 16.69
C THR D 213 -8.20 -33.23 17.23
N SER D 214 -9.41 -32.77 17.11
CA SER D 214 -10.58 -33.61 17.42
C SER D 214 -11.78 -33.23 16.62
N PRO D 215 -12.57 -34.22 16.22
CA PRO D 215 -13.83 -33.95 15.56
C PRO D 215 -14.85 -33.19 16.42
N SER D 216 -14.72 -33.22 17.75
CA SER D 216 -15.74 -32.59 18.60
C SER D 216 -15.48 -31.09 18.66
N LYS D 217 -14.40 -30.62 18.04
CA LYS D 217 -14.15 -29.16 18.05
C LYS D 217 -14.41 -28.54 16.66
N CYS D 218 -15.47 -29.02 15.99
CA CYS D 218 -15.68 -28.82 14.54
C CYS D 218 -16.98 -28.15 14.22
#